data_8FET
#
_entry.id   8FET
#
_cell.length_a   163.203
_cell.length_b   163.203
_cell.length_c   206.566
_cell.angle_alpha   90.00
_cell.angle_beta   90.00
_cell.angle_gamma   90.00
#
_symmetry.space_group_name_H-M   'I 41 2 2'
#
loop_
_entity.id
_entity.type
_entity.pdbx_description
1 polymer '3-deoxyanthocyanidin synthase'
2 non-polymer 'NADP NICOTINAMIDE-ADENINE-DINUCLEOTIDE PHOSPHATE'
3 water water
#
_entity_poly.entity_id   1
_entity_poly.type   'polypeptide(L)'
_entity_poly.pdbx_seq_one_letter_code
;MSSSAGNKKTMKTACVTGGSGYIGSALIKLLLEKGYAVKTTVRNPDDMEKNSHLKDLQKLGPLTVFRADMDEEGSFDDAV
AGCDYVFLVAAPLHFEAQDPEKEQIEPAIQGTLNTMRSCVKAGTVRRVILTSSVAAVYFRPDLLGDGHGHVLDEDSWSDV
DFLRAHKPPTWSHCVSKVLLEKEAGRFAEEHGISLVTILPVIVVGAAPAPKARSSIVDCLSMLSGDEAGLAMLRAIQKTS
GEVQLVHVDDLCRAELFLAENATANGRYICSRYHPTLVELATFLAQKYPQYGVKPTDFDDEERPRVTMSLEKLIREGFEY
KHNTLEEIYDNVVEYGKALGILPY
;
_entity_poly.pdbx_strand_id   A,B
#
# COMPACT_ATOMS: atom_id res chain seq x y z
N MET A 11 -32.38 15.25 -0.27
CA MET A 11 -32.83 13.87 -0.48
C MET A 11 -32.53 12.99 0.76
N LYS A 12 -31.32 12.43 0.84
CA LYS A 12 -30.98 11.55 1.95
C LYS A 12 -30.60 12.34 3.20
N THR A 13 -30.85 11.74 4.35
CA THR A 13 -30.60 12.36 5.64
C THR A 13 -29.64 11.48 6.45
N ALA A 14 -28.78 12.11 7.24
CA ALA A 14 -27.79 11.36 7.98
C ALA A 14 -27.55 12.01 9.33
N CYS A 15 -27.24 11.19 10.32
CA CYS A 15 -26.93 11.66 11.66
C CYS A 15 -25.44 11.50 11.92
N VAL A 16 -24.87 12.48 12.61
CA VAL A 16 -23.47 12.43 13.05
C VAL A 16 -23.46 12.72 14.53
N THR A 17 -23.03 11.76 15.34
CA THR A 17 -22.98 11.99 16.78
C THR A 17 -21.72 12.78 17.13
N GLY A 18 -21.87 13.76 18.02
CA GLY A 18 -20.75 14.56 18.45
C GLY A 18 -20.32 15.59 17.41
N GLY A 19 -21.25 16.48 17.06
CA GLY A 19 -20.96 17.50 16.06
C GLY A 19 -19.86 18.44 16.48
N SER A 20 -19.67 18.62 17.79
CA SER A 20 -18.59 19.46 18.27
C SER A 20 -17.23 18.78 18.22
N GLY A 21 -17.17 17.50 17.82
CA GLY A 21 -15.92 16.78 17.80
C GLY A 21 -15.08 17.06 16.57
N TYR A 22 -13.79 16.74 16.69
CA TYR A 22 -12.85 16.90 15.57
C TYR A 22 -13.37 16.18 14.33
N ILE A 23 -13.34 14.84 14.33
CA ILE A 23 -13.76 14.11 13.14
C ILE A 23 -15.23 14.37 12.81
N GLY A 24 -16.10 14.43 13.83
CA GLY A 24 -17.51 14.66 13.57
C GLY A 24 -17.76 15.97 12.85
N SER A 25 -17.03 17.02 13.21
CA SER A 25 -17.18 18.29 12.51
C SER A 25 -16.78 18.16 11.05
N ALA A 26 -15.65 17.50 10.77
CA ALA A 26 -15.24 17.25 9.40
C ALA A 26 -16.29 16.44 8.64
N LEU A 27 -16.87 15.42 9.29
CA LEU A 27 -17.82 14.58 8.57
C LEU A 27 -19.09 15.35 8.23
N ILE A 28 -19.54 16.23 9.13
CA ILE A 28 -20.70 17.06 8.84
C ILE A 28 -20.47 17.86 7.55
N LYS A 29 -19.31 18.53 7.45
CA LYS A 29 -19.01 19.31 6.26
C LYS A 29 -19.12 18.45 5.00
N LEU A 30 -18.44 17.29 4.97
CA LEU A 30 -18.50 16.47 3.76
C LEU A 30 -19.94 16.13 3.41
N LEU A 31 -20.73 15.73 4.40
CA LEU A 31 -22.11 15.32 4.15
C LEU A 31 -22.94 16.46 3.56
N LEU A 32 -22.77 17.67 4.10
CA LEU A 32 -23.48 18.82 3.56
C LEU A 32 -23.03 19.11 2.13
N GLU A 33 -21.71 19.19 1.90
CA GLU A 33 -21.20 19.38 0.54
C GLU A 33 -21.71 18.31 -0.40
N LYS A 34 -21.96 17.11 0.10
CA LYS A 34 -22.42 16.02 -0.76
C LYS A 34 -23.94 16.03 -0.92
N GLY A 35 -24.62 17.05 -0.42
CA GLY A 35 -26.06 17.16 -0.64
C GLY A 35 -26.92 16.37 0.31
N TYR A 36 -26.47 16.16 1.54
CA TYR A 36 -27.25 15.45 2.55
C TYR A 36 -27.96 16.45 3.46
N ALA A 37 -29.13 16.09 3.94
CA ALA A 37 -29.65 16.70 5.16
C ALA A 37 -28.95 16.04 6.33
N VAL A 38 -28.51 16.83 7.30
CA VAL A 38 -27.68 16.30 8.37
C VAL A 38 -28.28 16.70 9.71
N LYS A 39 -28.39 15.73 10.61
CA LYS A 39 -28.74 15.93 12.00
C LYS A 39 -27.55 15.54 12.87
N THR A 40 -27.17 16.41 13.79
CA THR A 40 -26.02 16.16 14.64
C THR A 40 -26.42 16.35 16.10
N THR A 41 -25.65 15.75 16.99
CA THR A 41 -25.87 15.88 18.42
C THR A 41 -24.64 16.48 19.08
N VAL A 42 -24.88 17.41 20.00
CA VAL A 42 -23.87 17.88 20.93
C VAL A 42 -24.46 17.74 22.32
N ARG A 43 -23.61 17.90 23.33
CA ARG A 43 -24.09 17.77 24.69
C ARG A 43 -24.76 19.06 25.15
N ASN A 44 -24.21 20.21 24.78
CA ASN A 44 -24.74 21.51 25.17
C ASN A 44 -24.85 22.41 23.95
N PRO A 45 -25.94 22.30 23.18
CA PRO A 45 -26.09 23.11 21.97
C PRO A 45 -25.94 24.61 22.19
N ASP A 46 -26.03 25.05 23.45
CA ASP A 46 -25.95 26.48 23.78
C ASP A 46 -24.52 26.95 24.05
N ASP A 47 -23.58 26.03 24.20
CA ASP A 47 -22.17 26.37 24.42
C ASP A 47 -21.56 26.76 23.08
N MET A 48 -21.60 28.06 22.77
CA MET A 48 -21.05 28.54 21.51
C MET A 48 -19.53 28.58 21.53
N GLU A 49 -18.89 28.29 22.67
CA GLU A 49 -17.45 28.16 22.69
C GLU A 49 -17.01 26.90 21.97
N LYS A 50 -17.80 25.83 22.04
CA LYS A 50 -17.48 24.59 21.36
C LYS A 50 -18.29 24.38 20.09
N ASN A 51 -19.44 25.02 19.96
CA ASN A 51 -20.33 24.75 18.83
C ASN A 51 -20.53 25.96 17.93
N SER A 52 -19.65 26.94 17.98
CA SER A 52 -19.78 28.10 17.10
C SER A 52 -19.70 27.71 15.62
N HIS A 53 -18.96 26.66 15.29
CA HIS A 53 -18.88 26.24 13.88
C HIS A 53 -20.22 25.79 13.32
N LEU A 54 -21.17 25.40 14.18
CA LEU A 54 -22.39 24.79 13.65
C LEU A 54 -23.21 25.81 12.86
N LYS A 55 -23.20 27.08 13.29
CA LYS A 55 -23.90 28.11 12.54
C LYS A 55 -23.29 28.26 11.15
N ASP A 56 -21.96 28.31 11.08
CA ASP A 56 -21.30 28.39 9.77
C ASP A 56 -21.63 27.19 8.91
N LEU A 57 -21.62 25.99 9.49
CA LEU A 57 -21.90 24.81 8.70
C LEU A 57 -23.32 24.82 8.17
N GLN A 58 -24.23 25.51 8.87
CA GLN A 58 -25.62 25.53 8.42
C GLN A 58 -25.78 26.26 7.10
N LYS A 59 -24.81 27.09 6.71
CA LYS A 59 -24.86 27.78 5.43
C LYS A 59 -24.59 26.86 4.24
N LEU A 60 -24.06 25.66 4.45
CA LEU A 60 -23.75 24.75 3.34
C LEU A 60 -24.93 23.85 2.99
N GLY A 61 -25.93 23.74 3.85
CA GLY A 61 -27.02 22.81 3.65
C GLY A 61 -27.86 22.69 4.89
N PRO A 62 -28.88 21.80 4.85
CA PRO A 62 -29.74 21.63 6.03
C PRO A 62 -29.05 20.89 7.16
N LEU A 63 -28.77 21.58 8.27
CA LEU A 63 -28.10 20.98 9.41
C LEU A 63 -28.89 21.27 10.69
N THR A 64 -29.34 20.22 11.36
CA THR A 64 -30.14 20.35 12.59
C THR A 64 -29.33 19.86 13.79
N VAL A 65 -29.33 20.62 14.89
CA VAL A 65 -28.61 20.29 16.12
C VAL A 65 -29.57 19.75 17.16
N PHE A 66 -29.17 18.66 17.83
CA PHE A 66 -29.95 18.05 18.91
C PHE A 66 -29.07 17.87 20.15
N ARG A 67 -29.65 18.09 21.32
CA ARG A 67 -28.97 17.75 22.56
C ARG A 67 -29.05 16.25 22.79
N ALA A 68 -27.94 15.66 23.23
CA ALA A 68 -27.90 14.23 23.48
C ALA A 68 -26.66 13.92 24.27
N ASP A 69 -26.70 12.79 24.96
CA ASP A 69 -25.58 12.31 25.77
C ASP A 69 -25.61 10.80 25.76
N MET A 70 -24.47 10.17 25.50
CA MET A 70 -24.44 8.72 25.41
C MET A 70 -24.79 8.08 26.75
N ASP A 71 -24.69 8.84 27.84
CA ASP A 71 -25.05 8.35 29.15
C ASP A 71 -26.54 8.49 29.47
N GLU A 72 -27.32 9.16 28.64
CA GLU A 72 -28.76 9.32 28.84
C GLU A 72 -29.50 8.45 27.84
N GLU A 73 -30.08 7.34 28.31
CA GLU A 73 -30.72 6.42 27.39
C GLU A 73 -31.84 7.12 26.61
N GLY A 74 -32.00 6.71 25.34
CA GLY A 74 -33.00 7.24 24.45
C GLY A 74 -32.81 8.67 23.98
N SER A 75 -31.81 9.41 24.50
CA SER A 75 -31.68 10.83 24.17
C SER A 75 -31.22 11.08 22.73
N PHE A 76 -30.88 10.03 21.97
CA PHE A 76 -30.58 10.16 20.54
C PHE A 76 -31.78 9.84 19.68
N ASP A 77 -32.93 9.54 20.30
CA ASP A 77 -34.09 9.10 19.54
C ASP A 77 -34.49 10.13 18.49
N ASP A 78 -34.45 11.42 18.85
CA ASP A 78 -34.89 12.47 17.95
C ASP A 78 -33.86 12.76 16.86
N ALA A 79 -32.58 12.87 17.21
CA ALA A 79 -31.56 13.12 16.22
C ALA A 79 -31.51 12.01 15.18
N VAL A 80 -31.69 10.77 15.59
CA VAL A 80 -31.57 9.68 14.65
C VAL A 80 -32.87 9.41 13.89
N ALA A 81 -33.99 9.92 14.36
CA ALA A 81 -35.25 9.73 13.66
C ALA A 81 -35.14 10.26 12.23
N GLY A 82 -35.69 9.49 11.30
CA GLY A 82 -35.72 9.89 9.91
C GLY A 82 -34.45 9.67 9.13
N CYS A 83 -33.31 9.41 9.79
CA CYS A 83 -32.04 9.30 9.08
C CYS A 83 -31.94 8.01 8.27
N ASP A 84 -31.36 8.12 7.06
CA ASP A 84 -30.98 6.94 6.28
C ASP A 84 -29.69 6.31 6.81
N TYR A 85 -28.77 7.14 7.30
CA TYR A 85 -27.47 6.70 7.76
C TYR A 85 -27.18 7.36 9.09
N VAL A 86 -26.53 6.63 9.99
CA VAL A 86 -26.10 7.17 11.28
C VAL A 86 -24.61 6.90 11.42
N PHE A 87 -23.84 7.93 11.79
CA PHE A 87 -22.40 7.84 11.91
C PHE A 87 -22.06 7.97 13.39
N LEU A 88 -21.74 6.83 14.02
CA LEU A 88 -21.41 6.82 15.45
C LEU A 88 -19.95 7.25 15.61
N VAL A 89 -19.77 8.56 15.74
CA VAL A 89 -18.45 9.16 15.85
C VAL A 89 -18.10 9.49 17.28
N ALA A 90 -19.06 10.04 18.03
CA ALA A 90 -18.78 10.42 19.41
C ALA A 90 -18.39 9.19 20.24
N ALA A 91 -17.46 9.38 21.15
CA ALA A 91 -16.97 8.32 22.02
C ALA A 91 -16.44 8.97 23.27
N PRO A 92 -16.57 8.33 24.43
CA PRO A 92 -16.07 8.92 25.68
C PRO A 92 -14.62 9.37 25.60
N LEU A 93 -13.70 8.45 25.32
CA LEU A 93 -12.28 8.74 25.07
C LEU A 93 -11.54 9.33 26.26
N HIS A 94 -12.18 9.45 27.42
CA HIS A 94 -11.52 10.00 28.61
C HIS A 94 -10.72 8.89 29.28
N PHE A 95 -9.50 8.64 28.78
CA PHE A 95 -8.77 7.49 29.31
C PHE A 95 -8.47 7.67 30.80
N GLU A 96 -7.97 8.85 31.20
CA GLU A 96 -7.72 9.18 32.60
C GLU A 96 -7.15 8.00 33.39
N ALA A 97 -7.85 7.59 34.44
CA ALA A 97 -7.45 6.43 35.24
C ALA A 97 -8.56 5.97 36.16
N GLN A 98 -8.20 5.56 37.38
CA GLN A 98 -9.14 5.19 38.45
C GLN A 98 -9.56 3.73 38.37
N ASP A 99 -10.82 3.48 38.02
CA ASP A 99 -11.37 2.14 37.80
C ASP A 99 -11.85 2.07 36.35
N PRO A 100 -10.94 1.94 35.39
CA PRO A 100 -11.35 2.01 33.98
C PRO A 100 -12.48 1.06 33.60
N GLU A 101 -12.56 -0.12 34.24
CA GLU A 101 -13.61 -1.07 33.88
C GLU A 101 -15.00 -0.46 34.01
N LYS A 102 -15.15 0.53 34.89
CA LYS A 102 -16.46 1.06 35.22
C LYS A 102 -16.65 2.51 34.80
N GLU A 103 -15.58 3.29 34.75
CA GLU A 103 -15.64 4.68 34.33
C GLU A 103 -15.20 4.88 32.89
N GLN A 104 -14.89 3.81 32.16
CA GLN A 104 -14.45 3.92 30.77
C GLN A 104 -15.01 2.79 29.92
N ILE A 105 -14.72 1.56 30.30
CA ILE A 105 -15.06 0.43 29.44
C ILE A 105 -16.56 0.20 29.43
N GLU A 106 -17.20 0.24 30.61
CA GLU A 106 -18.62 -0.04 30.68
C GLU A 106 -19.43 1.10 30.08
N PRO A 107 -19.10 2.36 30.39
CA PRO A 107 -19.76 3.48 29.69
C PRO A 107 -19.64 3.37 28.17
N ALA A 108 -18.43 3.19 27.65
CA ALA A 108 -18.24 3.10 26.21
C ALA A 108 -19.15 2.03 25.61
N ILE A 109 -19.21 0.85 26.25
CA ILE A 109 -20.06 -0.21 25.71
C ILE A 109 -21.52 0.21 25.74
N GLN A 110 -21.95 0.82 26.85
CA GLN A 110 -23.37 1.12 27.01
C GLN A 110 -23.80 2.32 26.17
N GLY A 111 -23.00 3.38 26.16
CA GLY A 111 -23.28 4.50 25.26
C GLY A 111 -23.47 4.05 23.82
N THR A 112 -22.64 3.11 23.36
CA THR A 112 -22.80 2.60 22.01
C THR A 112 -24.14 1.89 21.83
N LEU A 113 -24.52 1.06 22.80
CA LEU A 113 -25.79 0.35 22.70
C LEU A 113 -26.97 1.32 22.81
N ASN A 114 -26.82 2.34 23.65
CA ASN A 114 -27.81 3.41 23.70
C ASN A 114 -28.11 3.93 22.29
N THR A 115 -27.08 4.42 21.58
CA THR A 115 -27.33 4.98 20.25
C THR A 115 -27.87 3.91 19.30
N MET A 116 -27.39 2.67 19.43
CA MET A 116 -27.87 1.62 18.54
C MET A 116 -29.37 1.40 18.70
N ARG A 117 -29.89 1.55 19.92
CA ARG A 117 -31.31 1.32 20.13
C ARG A 117 -32.12 2.42 19.46
N SER A 118 -31.67 3.68 19.57
CA SER A 118 -32.32 4.77 18.85
C SER A 118 -32.36 4.52 17.34
N CYS A 119 -31.37 3.83 16.76
CA CYS A 119 -31.43 3.51 15.34
C CYS A 119 -32.52 2.49 15.04
N VAL A 120 -32.71 1.50 15.93
CA VAL A 120 -33.74 0.51 15.68
C VAL A 120 -35.12 1.13 15.86
N LYS A 121 -35.26 2.07 16.81
CA LYS A 121 -36.53 2.75 17.02
C LYS A 121 -36.90 3.69 15.87
N ALA A 122 -35.91 4.18 15.11
CA ALA A 122 -36.22 5.07 13.99
C ALA A 122 -36.79 4.30 12.80
N GLY A 123 -36.42 3.04 12.62
CA GLY A 123 -36.94 2.25 11.52
C GLY A 123 -36.42 2.62 10.15
N THR A 124 -35.84 3.80 10.01
CA THR A 124 -35.38 4.30 8.71
C THR A 124 -33.92 3.98 8.40
N VAL A 125 -33.12 3.66 9.41
CA VAL A 125 -31.66 3.60 9.28
C VAL A 125 -31.26 2.40 8.43
N ARG A 126 -30.73 2.66 7.22
CA ARG A 126 -30.27 1.61 6.32
C ARG A 126 -28.88 1.10 6.69
N ARG A 127 -28.13 1.84 7.49
CA ARG A 127 -26.80 1.38 7.87
C ARG A 127 -26.25 2.32 8.94
N VAL A 128 -25.67 1.73 9.98
CA VAL A 128 -24.89 2.43 10.98
C VAL A 128 -23.42 2.28 10.61
N ILE A 129 -22.68 3.38 10.67
CA ILE A 129 -21.24 3.38 10.46
C ILE A 129 -20.59 3.74 11.79
N LEU A 130 -19.83 2.82 12.36
CA LEU A 130 -19.20 3.04 13.65
C LEU A 130 -17.74 3.40 13.46
N THR A 131 -17.32 4.48 14.11
CA THR A 131 -15.91 4.90 14.09
C THR A 131 -15.23 4.30 15.31
N SER A 132 -14.44 3.25 15.07
CA SER A 132 -13.62 2.63 16.11
C SER A 132 -12.18 3.12 15.95
N SER A 133 -11.17 2.25 15.94
CA SER A 133 -9.77 2.64 15.99
C SER A 133 -8.91 1.41 15.71
N VAL A 134 -7.73 1.62 15.12
CA VAL A 134 -6.76 0.53 15.05
C VAL A 134 -6.29 0.13 16.45
N ALA A 135 -6.61 0.94 17.46
CA ALA A 135 -6.44 0.49 18.84
C ALA A 135 -7.14 -0.85 19.07
N ALA A 136 -8.19 -1.13 18.29
CA ALA A 136 -8.92 -2.39 18.41
C ALA A 136 -8.36 -3.48 17.51
N VAL A 137 -7.20 -3.23 16.90
CA VAL A 137 -6.62 -4.12 15.91
C VAL A 137 -5.22 -4.58 16.31
N TYR A 138 -4.41 -3.66 16.82
CA TYR A 138 -2.95 -3.83 16.78
C TYR A 138 -2.38 -4.55 18.00
N PHE A 139 -3.03 -4.50 19.16
CA PHE A 139 -2.38 -5.07 20.34
C PHE A 139 -2.43 -6.59 20.32
N ARG A 140 -1.42 -7.19 19.70
CA ARG A 140 -1.35 -8.63 19.48
C ARG A 140 -0.12 -9.14 20.24
N PRO A 141 -0.25 -9.46 21.53
CA PRO A 141 0.94 -9.92 22.28
C PRO A 141 1.47 -11.27 21.81
N ASP A 142 0.69 -12.03 21.02
CA ASP A 142 1.21 -13.23 20.40
C ASP A 142 2.12 -12.93 19.20
N LEU A 143 2.12 -11.70 18.70
CA LEU A 143 2.95 -11.30 17.57
C LEU A 143 3.98 -10.24 17.95
N LEU A 144 3.60 -9.21 18.70
CA LEU A 144 4.56 -8.23 19.19
C LEU A 144 5.60 -8.92 20.08
N GLY A 145 6.87 -8.54 19.93
CA GLY A 145 7.96 -9.25 20.58
C GLY A 145 8.51 -10.41 19.79
N ASP A 146 7.79 -10.85 18.76
CA ASP A 146 8.22 -11.90 17.83
C ASP A 146 9.62 -11.70 17.26
N GLY A 147 10.07 -10.46 17.14
CA GLY A 147 11.20 -10.13 16.29
C GLY A 147 10.90 -10.08 14.80
N HIS A 148 9.70 -10.44 14.37
CA HIS A 148 9.36 -10.44 12.96
C HIS A 148 8.47 -9.26 12.62
N GLY A 149 8.45 -8.90 11.33
CA GLY A 149 7.48 -7.94 10.86
C GLY A 149 6.14 -8.61 10.59
N HIS A 150 5.09 -7.80 10.56
CA HIS A 150 3.75 -8.34 10.41
C HIS A 150 2.88 -7.31 9.69
N VAL A 151 2.00 -7.79 8.81
CA VAL A 151 0.95 -6.97 8.23
C VAL A 151 -0.35 -7.39 8.88
N LEU A 152 -0.88 -6.54 9.76
CA LEU A 152 -2.14 -6.86 10.41
C LEU A 152 -3.32 -6.40 9.55
N ASP A 153 -4.40 -7.20 9.52
CA ASP A 153 -5.59 -6.83 8.78
C ASP A 153 -6.84 -6.82 9.67
N GLU A 154 -8.01 -6.83 9.04
CA GLU A 154 -9.26 -6.65 9.76
C GLU A 154 -9.64 -7.89 10.59
N ASP A 155 -9.02 -9.03 10.35
CA ASP A 155 -9.20 -10.21 11.18
C ASP A 155 -8.43 -10.14 12.49
N SER A 156 -7.64 -9.09 12.71
CA SER A 156 -6.80 -8.99 13.89
C SER A 156 -7.51 -8.13 14.93
N TRP A 157 -7.60 -8.63 16.16
CA TRP A 157 -8.25 -7.93 17.24
C TRP A 157 -7.28 -7.76 18.40
N SER A 158 -7.29 -6.57 19.01
CA SER A 158 -6.49 -6.36 20.21
C SER A 158 -6.91 -7.33 21.32
N ASP A 159 -5.91 -7.86 22.04
CA ASP A 159 -6.07 -8.93 23.03
C ASP A 159 -6.62 -8.37 24.35
N VAL A 160 -7.95 -8.47 24.53
CA VAL A 160 -8.56 -7.89 25.74
C VAL A 160 -8.04 -8.58 27.00
N ASP A 161 -7.93 -9.91 26.96
CA ASP A 161 -7.53 -10.65 28.15
C ASP A 161 -6.12 -10.26 28.58
N PHE A 162 -5.20 -10.18 27.63
CA PHE A 162 -3.84 -9.78 27.99
C PHE A 162 -3.82 -8.38 28.58
N LEU A 163 -4.62 -7.46 28.04
CA LEU A 163 -4.59 -6.08 28.52
C LEU A 163 -5.21 -5.98 29.91
N ARG A 164 -6.27 -6.74 30.18
CA ARG A 164 -6.84 -6.72 31.52
C ARG A 164 -5.88 -7.33 32.53
N ALA A 165 -5.14 -8.37 32.12
CA ALA A 165 -4.25 -9.07 33.04
C ALA A 165 -3.10 -8.18 33.48
N HIS A 166 -2.43 -7.54 32.54
CA HIS A 166 -1.26 -6.75 32.87
C HIS A 166 -1.51 -5.26 32.98
N LYS A 167 -2.66 -4.77 32.50
CA LYS A 167 -3.06 -3.37 32.61
C LYS A 167 -1.90 -2.41 32.35
N PRO A 168 -1.25 -2.51 31.18
CA PRO A 168 -0.22 -1.52 30.83
C PRO A 168 -0.86 -0.16 30.63
N PRO A 169 -0.06 0.91 30.56
CA PRO A 169 -0.65 2.26 30.39
C PRO A 169 -1.51 2.34 29.14
N THR A 170 -2.70 2.90 29.30
CA THR A 170 -3.69 3.11 28.22
C THR A 170 -4.42 1.84 27.82
N TRP A 171 -4.40 0.81 28.68
CA TRP A 171 -4.97 -0.48 28.31
C TRP A 171 -6.47 -0.39 28.10
N SER A 172 -7.16 0.48 28.84
CA SER A 172 -8.62 0.50 28.78
C SER A 172 -9.13 1.07 27.46
N HIS A 173 -8.28 1.82 26.74
CA HIS A 173 -8.65 2.37 25.45
C HIS A 173 -8.84 1.25 24.42
N CYS A 174 -7.81 0.43 24.21
CA CYS A 174 -7.98 -0.69 23.29
C CYS A 174 -9.16 -1.57 23.73
N VAL A 175 -9.34 -1.74 25.04
CA VAL A 175 -10.37 -2.66 25.51
C VAL A 175 -11.76 -2.10 25.24
N SER A 176 -11.98 -0.83 25.57
CA SER A 176 -13.25 -0.19 25.23
C SER A 176 -13.59 -0.38 23.76
N LYS A 177 -12.64 -0.10 22.87
CA LYS A 177 -12.92 -0.16 21.44
C LYS A 177 -13.26 -1.57 21.01
N VAL A 178 -12.46 -2.55 21.44
CA VAL A 178 -12.74 -3.93 21.05
C VAL A 178 -14.14 -4.34 21.50
N LEU A 179 -14.48 -4.03 22.76
CA LEU A 179 -15.71 -4.56 23.33
C LEU A 179 -16.94 -3.80 22.83
N LEU A 180 -16.86 -2.47 22.74
CA LEU A 180 -17.96 -1.73 22.13
C LEU A 180 -18.20 -2.17 20.69
N GLU A 181 -17.14 -2.58 19.98
CA GLU A 181 -17.37 -3.02 18.61
C GLU A 181 -18.00 -4.41 18.59
N LYS A 182 -17.53 -5.34 19.43
CA LYS A 182 -18.16 -6.65 19.48
C LYS A 182 -19.62 -6.53 19.90
N GLU A 183 -19.90 -5.70 20.90
CA GLU A 183 -21.28 -5.54 21.36
C GLU A 183 -22.16 -4.92 20.27
N ALA A 184 -21.68 -3.82 19.66
CA ALA A 184 -22.45 -3.20 18.58
C ALA A 184 -22.72 -4.19 17.45
N GLY A 185 -21.73 -5.02 17.13
CA GLY A 185 -21.94 -6.00 16.06
C GLY A 185 -22.99 -7.04 16.41
N ARG A 186 -22.99 -7.52 17.67
CA ARG A 186 -23.97 -8.52 18.04
C ARG A 186 -25.37 -7.93 18.06
N PHE A 187 -25.52 -6.80 18.77
CA PHE A 187 -26.75 -6.05 18.72
C PHE A 187 -27.26 -5.89 17.28
N ALA A 188 -26.39 -5.43 16.37
CA ALA A 188 -26.85 -5.21 15.00
C ALA A 188 -27.40 -6.48 14.38
N GLU A 189 -26.67 -7.59 14.55
CA GLU A 189 -27.20 -8.85 14.04
C GLU A 189 -28.53 -9.19 14.71
N GLU A 190 -28.58 -9.06 16.03
CA GLU A 190 -29.81 -9.36 16.77
C GLU A 190 -30.99 -8.59 16.23
N HIS A 191 -30.81 -7.30 15.94
CA HIS A 191 -31.93 -6.47 15.51
C HIS A 191 -32.03 -6.29 14.01
N GLY A 192 -31.28 -7.08 13.23
CA GLY A 192 -31.40 -6.99 11.79
C GLY A 192 -30.95 -5.67 11.17
N ILE A 193 -30.09 -4.91 11.83
CA ILE A 193 -29.61 -3.63 11.32
C ILE A 193 -28.18 -3.79 10.78
N SER A 194 -27.90 -3.12 9.66
CA SER A 194 -26.59 -3.21 9.02
C SER A 194 -25.60 -2.28 9.72
N LEU A 195 -24.51 -2.84 10.23
CA LEU A 195 -23.46 -2.10 10.91
C LEU A 195 -22.15 -2.31 10.18
N VAL A 196 -21.42 -1.22 9.93
CA VAL A 196 -20.08 -1.28 9.36
C VAL A 196 -19.17 -0.42 10.21
N THR A 197 -17.93 -0.88 10.40
CA THR A 197 -16.98 -0.27 11.31
C THR A 197 -15.72 0.14 10.57
N ILE A 198 -15.25 1.38 10.84
CA ILE A 198 -14.02 1.89 10.25
C ILE A 198 -13.01 2.10 11.36
N LEU A 199 -11.75 1.72 11.10
CA LEU A 199 -10.68 1.69 12.10
C LEU A 199 -9.57 2.65 11.70
N PRO A 200 -9.71 3.93 12.03
CA PRO A 200 -8.70 4.93 11.64
C PRO A 200 -7.39 4.78 12.40
N VAL A 201 -6.31 5.23 11.76
CA VAL A 201 -5.03 5.42 12.44
C VAL A 201 -4.99 6.85 12.97
N ILE A 202 -3.80 7.43 13.15
CA ILE A 202 -3.74 8.83 13.58
C ILE A 202 -4.32 9.71 12.48
N VAL A 203 -5.27 10.56 12.85
CA VAL A 203 -5.99 11.39 11.88
C VAL A 203 -5.38 12.79 11.86
N VAL A 204 -5.09 13.28 10.66
CA VAL A 204 -4.40 14.55 10.45
C VAL A 204 -5.25 15.46 9.55
N GLY A 205 -5.28 16.75 9.87
CA GLY A 205 -5.87 17.73 8.98
C GLY A 205 -6.83 18.67 9.68
N ALA A 206 -7.15 19.75 8.97
CA ALA A 206 -8.05 20.77 9.47
C ALA A 206 -9.50 20.33 9.43
N ALA A 207 -10.31 20.87 10.33
CA ALA A 207 -11.73 20.58 10.43
C ALA A 207 -12.43 21.82 10.95
N PRO A 208 -13.78 21.85 10.90
CA PRO A 208 -14.50 23.02 11.41
C PRO A 208 -14.52 23.14 12.93
N ALA A 209 -14.33 22.06 13.68
CA ALA A 209 -14.46 22.12 15.13
C ALA A 209 -13.51 23.15 15.72
N PRO A 210 -14.01 24.12 16.51
CA PRO A 210 -13.14 25.17 17.06
C PRO A 210 -12.41 24.83 18.34
N LYS A 211 -12.75 23.71 18.98
CA LYS A 211 -12.11 23.31 20.23
C LYS A 211 -11.49 21.92 20.12
N ALA A 212 -11.14 21.50 18.90
CA ALA A 212 -10.53 20.19 18.70
C ALA A 212 -9.20 20.08 19.42
N ARG A 213 -8.92 18.88 19.95
CA ARG A 213 -7.61 18.56 20.49
C ARG A 213 -7.16 17.21 19.93
N SER A 214 -7.44 16.12 20.64
CA SER A 214 -7.42 14.77 20.06
C SER A 214 -6.11 14.56 19.28
N SER A 215 -6.15 14.01 18.05
CA SER A 215 -4.92 13.70 17.33
C SER A 215 -4.22 14.93 16.77
N ILE A 216 -4.89 16.08 16.72
CA ILE A 216 -4.20 17.30 16.33
C ILE A 216 -3.04 17.58 17.27
N VAL A 217 -3.24 17.32 18.57
CA VAL A 217 -2.17 17.54 19.55
C VAL A 217 -0.99 16.62 19.28
N ASP A 218 -1.26 15.38 18.91
CA ASP A 218 -0.20 14.38 18.77
C ASP A 218 0.53 14.54 17.44
N CYS A 219 -0.22 14.66 16.33
CA CYS A 219 0.46 14.76 15.05
C CYS A 219 1.23 16.07 14.92
N LEU A 220 0.96 17.06 15.79
CA LEU A 220 1.70 18.31 15.82
C LEU A 220 2.74 18.38 16.94
N SER A 221 2.91 17.30 17.72
CA SER A 221 3.70 17.42 18.96
C SER A 221 5.17 17.71 18.68
N MET A 222 5.71 17.22 17.57
CA MET A 222 7.07 17.60 17.19
C MET A 222 7.24 19.11 17.05
N LEU A 223 6.18 19.83 16.69
CA LEU A 223 6.31 21.27 16.48
C LEU A 223 6.03 22.05 17.77
N SER A 224 5.01 21.62 18.52
CA SER A 224 4.71 22.22 19.82
C SER A 224 5.62 21.71 20.93
N GLY A 225 6.16 20.50 20.82
CA GLY A 225 6.90 19.91 21.92
C GLY A 225 6.06 19.37 23.07
N ASP A 226 4.73 19.35 22.91
CA ASP A 226 3.83 18.72 23.87
C ASP A 226 4.36 17.35 24.28
N GLU A 227 4.65 17.20 25.58
CA GLU A 227 5.33 16.00 26.04
C GLU A 227 4.43 14.76 25.95
N ALA A 228 3.12 14.91 26.15
CA ALA A 228 2.23 13.76 26.00
C ALA A 228 2.12 13.32 24.54
N GLY A 229 1.97 14.27 23.60
CA GLY A 229 1.98 13.88 22.19
C GLY A 229 3.27 13.22 21.78
N LEU A 230 4.40 13.80 22.17
CA LEU A 230 5.70 13.19 21.86
C LEU A 230 5.78 11.77 22.42
N ALA A 231 5.37 11.57 23.68
CA ALA A 231 5.44 10.22 24.28
C ALA A 231 4.54 9.24 23.52
N MET A 232 3.34 9.68 23.13
CA MET A 232 2.43 8.81 22.38
C MET A 232 3.04 8.39 21.04
N LEU A 233 3.69 9.33 20.33
CA LEU A 233 4.33 8.98 19.06
C LEU A 233 5.47 8.00 19.27
N ARG A 234 6.33 8.27 20.25
CA ARG A 234 7.45 7.36 20.48
C ARG A 234 6.98 5.97 20.87
N ALA A 235 5.91 5.88 21.67
CA ALA A 235 5.42 4.57 22.07
C ALA A 235 4.93 3.78 20.86
N ILE A 236 4.16 4.40 19.98
CA ILE A 236 3.71 3.69 18.77
C ILE A 236 4.91 3.22 17.96
N GLN A 237 5.93 4.07 17.82
CA GLN A 237 7.07 3.71 17.00
C GLN A 237 7.87 2.56 17.64
N LYS A 238 8.10 2.62 18.94
CA LYS A 238 8.84 1.54 19.60
C LYS A 238 8.08 0.21 19.50
N THR A 239 6.75 0.27 19.49
CA THR A 239 5.93 -0.93 19.38
C THR A 239 5.81 -1.46 17.96
N SER A 240 5.61 -0.58 16.97
CA SER A 240 5.31 -1.01 15.62
C SER A 240 6.38 -0.67 14.59
N GLY A 241 7.43 0.08 14.97
CA GLY A 241 8.51 0.42 14.05
C GLY A 241 8.20 1.56 13.10
N GLU A 242 7.08 2.26 13.32
CA GLU A 242 6.51 3.28 12.45
C GLU A 242 5.29 3.83 13.17
N VAL A 243 4.79 4.97 12.69
CA VAL A 243 3.45 5.42 13.03
C VAL A 243 2.62 5.32 11.75
N GLN A 244 1.30 5.49 11.90
CA GLN A 244 0.40 5.38 10.76
C GLN A 244 -0.50 6.61 10.75
N LEU A 245 -0.73 7.15 9.55
CA LEU A 245 -1.38 8.44 9.42
C LEU A 245 -2.39 8.40 8.30
N VAL A 246 -3.45 9.18 8.46
CA VAL A 246 -4.49 9.31 7.45
C VAL A 246 -5.01 10.73 7.55
N HIS A 247 -5.35 11.32 6.40
CA HIS A 247 -5.93 12.66 6.40
C HIS A 247 -7.40 12.58 6.78
N VAL A 248 -7.83 13.52 7.64
CA VAL A 248 -9.22 13.51 8.11
C VAL A 248 -10.21 13.49 6.93
N ASP A 249 -9.87 14.17 5.82
CA ASP A 249 -10.86 14.22 4.74
C ASP A 249 -10.94 12.89 4.00
N ASP A 250 -9.84 12.15 3.94
CA ASP A 250 -9.93 10.77 3.46
C ASP A 250 -10.76 9.91 4.41
N LEU A 251 -10.55 10.05 5.72
CA LEU A 251 -11.36 9.29 6.67
C LEU A 251 -12.84 9.59 6.45
N CYS A 252 -13.20 10.87 6.35
CA CYS A 252 -14.60 11.22 6.15
C CYS A 252 -15.13 10.63 4.86
N ARG A 253 -14.34 10.71 3.78
CA ARG A 253 -14.82 10.16 2.53
C ARG A 253 -14.96 8.65 2.64
N ALA A 254 -14.04 8.00 3.37
CA ALA A 254 -14.15 6.55 3.53
C ALA A 254 -15.41 6.19 4.33
N GLU A 255 -15.70 6.97 5.37
CA GLU A 255 -16.94 6.74 6.13
C GLU A 255 -18.15 6.81 5.22
N LEU A 256 -18.24 7.87 4.41
CA LEU A 256 -19.37 8.02 3.50
C LEU A 256 -19.36 6.92 2.46
N PHE A 257 -18.17 6.51 2.03
CA PHE A 257 -18.08 5.41 1.07
C PHE A 257 -18.69 4.15 1.63
N LEU A 258 -18.41 3.85 2.90
CA LEU A 258 -18.97 2.65 3.52
C LEU A 258 -20.48 2.75 3.66
N ALA A 259 -20.99 3.95 3.95
CA ALA A 259 -22.43 4.15 4.04
C ALA A 259 -23.12 3.89 2.71
N GLU A 260 -22.51 4.33 1.60
CA GLU A 260 -23.21 4.39 0.32
C GLU A 260 -23.00 3.16 -0.55
N ASN A 261 -22.02 2.32 -0.26
CA ASN A 261 -21.78 1.14 -1.08
C ASN A 261 -22.48 -0.05 -0.44
N ALA A 262 -23.47 -0.58 -1.16
CA ALA A 262 -24.34 -1.60 -0.60
C ALA A 262 -23.54 -2.80 -0.09
N THR A 263 -22.56 -3.26 -0.88
CA THR A 263 -21.80 -4.45 -0.53
C THR A 263 -20.79 -4.26 0.60
N ALA A 264 -20.54 -3.02 1.06
CA ALA A 264 -19.66 -2.83 2.20
C ALA A 264 -20.10 -3.67 3.40
N ASN A 265 -19.14 -4.27 4.08
CA ASN A 265 -19.45 -5.31 5.07
C ASN A 265 -18.30 -5.47 6.06
N GLY A 266 -18.61 -5.44 7.35
CA GLY A 266 -17.62 -5.73 8.38
C GLY A 266 -16.86 -4.51 8.89
N ARG A 267 -15.57 -4.68 9.15
CA ARG A 267 -14.72 -3.61 9.64
C ARG A 267 -13.64 -3.29 8.60
N TYR A 268 -13.12 -2.07 8.65
CA TYR A 268 -12.21 -1.55 7.62
C TYR A 268 -11.13 -0.70 8.26
N ILE A 269 -9.88 -1.07 8.05
CA ILE A 269 -8.77 -0.18 8.40
C ILE A 269 -8.81 1.02 7.47
N CYS A 270 -8.56 2.20 8.03
CA CYS A 270 -8.43 3.42 7.24
C CYS A 270 -7.09 4.06 7.58
N SER A 271 -6.16 4.03 6.64
CA SER A 271 -4.78 4.39 6.91
C SER A 271 -4.10 4.64 5.57
N ARG A 272 -3.11 5.54 5.55
CA ARG A 272 -2.50 5.84 4.25
C ARG A 272 -0.97 5.92 4.22
N TYR A 273 -0.35 6.67 5.13
CA TYR A 273 1.09 6.86 5.08
C TYR A 273 1.71 6.45 6.40
N HIS A 274 2.77 5.64 6.33
CA HIS A 274 3.37 5.00 7.51
C HIS A 274 4.83 5.42 7.66
N PRO A 275 5.11 6.64 8.14
CA PRO A 275 6.51 7.06 8.29
C PRO A 275 7.10 6.58 9.60
N THR A 276 8.42 6.43 9.62
CA THR A 276 9.11 6.44 10.91
C THR A 276 9.12 7.86 11.46
N LEU A 277 9.37 7.98 12.77
CA LEU A 277 9.39 9.29 13.39
C LEU A 277 10.51 10.17 12.81
N VAL A 278 11.67 9.58 12.52
CA VAL A 278 12.75 10.42 11.98
C VAL A 278 12.38 10.92 10.59
N GLU A 279 11.66 10.11 9.82
CA GLU A 279 11.23 10.57 8.50
C GLU A 279 10.14 11.63 8.62
N LEU A 280 9.23 11.49 9.58
CA LEU A 280 8.22 12.53 9.81
C LEU A 280 8.87 13.83 10.30
N ALA A 281 9.80 13.74 11.25
CA ALA A 281 10.46 14.93 11.79
C ALA A 281 11.31 15.63 10.74
N THR A 282 12.01 14.85 9.90
CA THR A 282 12.76 15.44 8.79
C THR A 282 11.84 16.24 7.88
N PHE A 283 10.67 15.69 7.58
CA PHE A 283 9.73 16.39 6.70
C PHE A 283 9.24 17.66 7.34
N LEU A 284 8.91 17.62 8.63
CA LEU A 284 8.39 18.82 9.29
C LEU A 284 9.49 19.85 9.45
N ALA A 285 10.70 19.42 9.77
CA ALA A 285 11.80 20.37 9.98
C ALA A 285 12.10 21.14 8.70
N GLN A 286 12.05 20.46 7.56
CA GLN A 286 12.34 21.11 6.29
C GLN A 286 11.18 21.99 5.84
N LYS A 287 9.94 21.58 6.11
CA LYS A 287 8.82 22.36 5.62
C LYS A 287 8.41 23.49 6.56
N TYR A 288 8.72 23.38 7.86
CA TYR A 288 8.31 24.38 8.85
C TYR A 288 9.48 24.65 9.77
N PRO A 289 10.57 25.22 9.22
CA PRO A 289 11.74 25.48 10.06
C PRO A 289 11.50 26.47 11.20
N GLN A 290 10.38 27.21 11.21
CA GLN A 290 10.19 28.16 12.29
C GLN A 290 10.07 27.48 13.66
N TYR A 291 9.81 26.17 13.69
CA TYR A 291 9.59 25.49 14.96
C TYR A 291 10.84 24.88 15.55
N GLY A 292 11.96 24.89 14.83
CA GLY A 292 13.20 24.40 15.40
C GLY A 292 13.24 22.90 15.66
N VAL A 293 12.43 22.12 14.96
CA VAL A 293 12.53 20.66 15.06
C VAL A 293 13.96 20.23 14.74
N LYS A 294 14.46 19.26 15.52
CA LYS A 294 15.77 18.63 15.26
C LYS A 294 15.54 17.15 14.97
N PRO A 295 15.58 16.72 13.71
CA PRO A 295 15.20 15.33 13.40
C PRO A 295 16.01 14.28 14.15
N THR A 296 17.29 14.53 14.47
CA THR A 296 18.08 13.56 15.21
C THR A 296 17.48 13.25 16.59
N ASP A 297 16.66 14.14 17.16
CA ASP A 297 15.91 13.84 18.37
C ASP A 297 15.07 12.57 18.24
N PHE A 298 14.90 12.04 17.02
CA PHE A 298 14.02 10.92 16.80
C PHE A 298 14.75 9.75 16.15
N ASP A 299 16.07 9.80 16.12
CA ASP A 299 16.83 8.65 15.64
C ASP A 299 16.46 7.42 16.46
N ASP A 300 16.32 6.31 15.76
CA ASP A 300 15.84 5.07 16.36
C ASP A 300 16.39 3.92 15.52
N GLU A 301 16.53 2.77 16.17
CA GLU A 301 16.87 1.57 15.43
C GLU A 301 15.80 1.27 14.39
N GLU A 302 16.22 0.61 13.31
CA GLU A 302 15.29 0.00 12.38
C GLU A 302 14.62 -1.19 13.06
N ARG A 303 13.30 -1.03 13.46
CA ARG A 303 12.57 -2.12 14.08
C ARG A 303 11.79 -2.90 13.04
N PRO A 304 11.51 -4.17 13.28
CA PRO A 304 10.56 -4.87 12.41
C PRO A 304 9.24 -4.11 12.41
N ARG A 305 8.62 -4.04 11.24
CA ARG A 305 7.43 -3.22 11.07
C ARG A 305 6.20 -4.06 11.32
N VAL A 306 5.38 -3.65 12.27
CA VAL A 306 4.06 -4.21 12.48
C VAL A 306 3.09 -3.17 11.94
N THR A 307 2.63 -3.37 10.70
CA THR A 307 1.93 -2.34 9.96
C THR A 307 0.49 -2.77 9.69
N MET A 308 -0.28 -1.85 9.14
CA MET A 308 -1.70 -2.05 8.85
C MET A 308 -1.88 -2.36 7.37
N SER A 309 -2.63 -3.39 7.05
CA SER A 309 -2.99 -3.63 5.66
C SER A 309 -3.93 -2.51 5.17
N LEU A 310 -3.69 -2.03 3.95
CA LEU A 310 -4.51 -0.99 3.35
C LEU A 310 -5.45 -1.53 2.28
N GLU A 311 -5.59 -2.85 2.17
CA GLU A 311 -6.13 -3.41 0.95
C GLU A 311 -7.66 -3.46 0.91
N LYS A 312 -8.35 -3.47 2.05
CA LYS A 312 -9.79 -3.76 2.02
C LYS A 312 -10.57 -2.62 1.37
N LEU A 313 -10.38 -1.39 1.84
CA LEU A 313 -11.02 -0.26 1.19
C LEU A 313 -10.62 -0.17 -0.28
N ILE A 314 -9.34 -0.39 -0.59
CA ILE A 314 -8.85 -0.25 -1.97
C ILE A 314 -9.49 -1.31 -2.86
N ARG A 315 -9.51 -2.55 -2.40
CA ARG A 315 -10.08 -3.64 -3.18
C ARG A 315 -11.54 -3.37 -3.48
N GLU A 316 -12.23 -2.65 -2.62
CA GLU A 316 -13.63 -2.38 -2.82
C GLU A 316 -13.90 -1.09 -3.56
N GLY A 317 -12.86 -0.41 -4.05
CA GLY A 317 -13.02 0.71 -4.96
C GLY A 317 -12.82 2.09 -4.35
N PHE A 318 -12.51 2.19 -3.07
CA PHE A 318 -12.24 3.49 -2.48
C PHE A 318 -10.91 4.04 -2.96
N GLU A 319 -10.79 5.37 -3.00
CA GLU A 319 -9.54 6.03 -3.40
C GLU A 319 -9.16 7.10 -2.40
N TYR A 320 -7.97 6.98 -1.82
CA TYR A 320 -7.43 8.04 -1.00
C TYR A 320 -6.94 9.20 -1.88
N LYS A 321 -7.15 10.43 -1.41
CA LYS A 321 -6.71 11.61 -2.14
C LYS A 321 -5.49 12.27 -1.53
N HIS A 322 -5.16 11.95 -0.28
CA HIS A 322 -3.98 12.49 0.38
C HIS A 322 -2.99 11.35 0.54
N ASN A 323 -2.08 11.22 -0.43
CA ASN A 323 -1.30 10.01 -0.56
C ASN A 323 0.16 10.16 -0.19
N THR A 324 0.65 11.38 0.00
CA THR A 324 2.01 11.60 0.42
C THR A 324 1.99 12.26 1.79
N LEU A 325 3.14 12.19 2.46
CA LEU A 325 3.32 12.92 3.70
C LEU A 325 2.93 14.38 3.53
N GLU A 326 3.40 15.02 2.45
CA GLU A 326 3.09 16.42 2.20
C GLU A 326 1.58 16.64 2.12
N GLU A 327 0.88 15.76 1.40
CA GLU A 327 -0.57 15.92 1.26
C GLU A 327 -1.31 15.63 2.56
N ILE A 328 -0.78 14.74 3.40
CA ILE A 328 -1.47 14.45 4.65
C ILE A 328 -1.35 15.66 5.58
N TYR A 329 -0.21 16.34 5.55
CA TYR A 329 0.03 17.53 6.34
C TYR A 329 -0.26 18.82 5.57
N ASP A 330 -1.20 18.79 4.63
CA ASP A 330 -1.35 19.96 3.76
C ASP A 330 -1.94 21.16 4.51
N ASN A 331 -2.78 20.93 5.50
CA ASN A 331 -3.46 22.08 6.12
C ASN A 331 -3.54 21.98 7.65
N VAL A 332 -2.88 21.00 8.28
CA VAL A 332 -3.04 20.81 9.73
C VAL A 332 -2.32 21.88 10.51
N VAL A 333 -1.20 22.40 10.01
CA VAL A 333 -0.40 23.33 10.80
C VAL A 333 -1.17 24.63 11.04
N GLU A 334 -1.88 25.11 10.03
CA GLU A 334 -2.69 26.31 10.21
C GLU A 334 -3.87 26.05 11.15
N TYR A 335 -4.42 24.82 11.12
CA TYR A 335 -5.47 24.46 12.07
C TYR A 335 -4.94 24.52 13.49
N GLY A 336 -3.79 23.88 13.75
CA GLY A 336 -3.19 23.95 15.07
C GLY A 336 -2.92 25.36 15.54
N LYS A 337 -2.47 26.24 14.62
CA LYS A 337 -2.25 27.64 14.99
C LYS A 337 -3.56 28.31 15.38
N ALA A 338 -4.60 28.12 14.57
CA ALA A 338 -5.89 28.73 14.88
C ALA A 338 -6.43 28.21 16.19
N LEU A 339 -6.19 26.93 16.49
CA LEU A 339 -6.73 26.31 17.69
C LEU A 339 -6.01 26.76 18.95
N GLY A 340 -4.79 27.28 18.83
CA GLY A 340 -3.96 27.54 19.98
C GLY A 340 -3.03 26.39 20.32
N ILE A 341 -3.19 25.24 19.66
CA ILE A 341 -2.33 24.09 19.95
C ILE A 341 -0.89 24.43 19.66
N LEU A 342 -0.65 25.16 18.58
CA LEU A 342 0.67 25.67 18.30
C LEU A 342 0.79 27.10 18.77
N PRO A 343 1.93 27.52 19.31
CA PRO A 343 2.02 28.87 19.89
C PRO A 343 2.16 29.96 18.85
N TYR A 344 2.52 29.62 17.61
CA TYR A 344 2.57 30.59 16.52
C TYR A 344 2.54 29.91 15.17
N MET B 11 -6.89 -28.68 -22.78
CA MET B 11 -5.76 -28.04 -22.11
C MET B 11 -5.40 -26.68 -22.72
N LYS B 12 -5.50 -25.63 -21.91
CA LYS B 12 -5.03 -24.32 -22.34
C LYS B 12 -3.52 -24.34 -22.55
N THR B 13 -3.04 -23.51 -23.47
CA THR B 13 -1.63 -23.50 -23.86
C THR B 13 -1.06 -22.09 -23.85
N ALA B 14 0.16 -21.96 -23.35
CA ALA B 14 0.79 -20.65 -23.21
C ALA B 14 2.26 -20.74 -23.59
N CYS B 15 2.77 -19.65 -24.15
CA CYS B 15 4.18 -19.54 -24.51
C CYS B 15 4.90 -18.57 -23.59
N VAL B 16 6.13 -18.92 -23.19
CA VAL B 16 6.99 -18.07 -22.37
C VAL B 16 8.32 -17.90 -23.12
N THR B 17 8.60 -16.67 -23.56
CA THR B 17 9.86 -16.40 -24.23
C THR B 17 11.00 -16.36 -23.22
N GLY B 18 12.15 -16.90 -23.62
CA GLY B 18 13.36 -16.89 -22.82
C GLY B 18 13.31 -17.84 -21.63
N GLY B 19 13.13 -19.13 -21.90
CA GLY B 19 13.03 -20.09 -20.81
C GLY B 19 14.32 -20.29 -20.03
N SER B 20 15.45 -19.82 -20.56
CA SER B 20 16.70 -19.87 -19.81
C SER B 20 16.74 -18.87 -18.66
N GLY B 21 15.88 -17.84 -18.68
CA GLY B 21 16.04 -16.71 -17.79
C GLY B 21 15.43 -16.93 -16.41
N TYR B 22 15.81 -16.02 -15.51
CA TYR B 22 15.36 -16.05 -14.13
C TYR B 22 13.84 -16.06 -14.03
N ILE B 23 13.19 -14.98 -14.45
CA ILE B 23 11.73 -14.90 -14.33
C ILE B 23 11.05 -15.89 -15.27
N GLY B 24 11.57 -16.02 -16.49
CA GLY B 24 10.98 -16.97 -17.42
C GLY B 24 10.84 -18.36 -16.84
N SER B 25 11.88 -18.84 -16.16
CA SER B 25 11.83 -20.18 -15.59
C SER B 25 10.76 -20.28 -14.50
N ALA B 26 10.63 -19.24 -13.67
CA ALA B 26 9.63 -19.32 -12.62
C ALA B 26 8.22 -19.25 -13.18
N LEU B 27 8.04 -18.58 -14.32
CA LEU B 27 6.71 -18.48 -14.92
C LEU B 27 6.32 -19.79 -15.61
N ILE B 28 7.27 -20.41 -16.31
CA ILE B 28 7.06 -21.78 -16.79
C ILE B 28 6.60 -22.68 -15.65
N LYS B 29 7.32 -22.65 -14.52
CA LYS B 29 6.97 -23.54 -13.41
C LYS B 29 5.55 -23.28 -12.93
N LEU B 30 5.14 -22.01 -12.84
CA LEU B 30 3.78 -21.70 -12.40
C LEU B 30 2.75 -22.17 -13.41
N LEU B 31 3.02 -21.92 -14.70
CA LEU B 31 2.08 -22.33 -15.74
C LEU B 31 1.82 -23.83 -15.69
N LEU B 32 2.86 -24.64 -15.52
CA LEU B 32 2.67 -26.09 -15.45
C LEU B 32 1.85 -26.49 -14.23
N GLU B 33 2.22 -25.99 -13.05
CA GLU B 33 1.46 -26.37 -11.86
C GLU B 33 0.00 -26.00 -11.99
N LYS B 34 -0.31 -24.95 -12.73
CA LYS B 34 -1.70 -24.53 -12.92
C LYS B 34 -2.37 -25.30 -14.05
N GLY B 35 -1.67 -26.21 -14.73
CA GLY B 35 -2.29 -27.07 -15.71
C GLY B 35 -2.24 -26.61 -17.13
N TYR B 36 -1.31 -25.72 -17.47
CA TYR B 36 -1.17 -25.28 -18.85
C TYR B 36 -0.24 -26.22 -19.60
N ALA B 37 -0.41 -26.23 -20.92
CA ALA B 37 0.61 -26.78 -21.79
C ALA B 37 1.53 -25.62 -22.17
N VAL B 38 2.81 -25.76 -21.86
CA VAL B 38 3.74 -24.64 -21.96
C VAL B 38 4.70 -24.88 -23.11
N LYS B 39 4.89 -23.86 -23.93
CA LYS B 39 5.95 -23.81 -24.91
C LYS B 39 6.87 -22.66 -24.52
N THR B 40 8.17 -22.85 -24.77
CA THR B 40 9.16 -21.85 -24.37
C THR B 40 10.24 -21.78 -25.43
N THR B 41 10.98 -20.69 -25.42
CA THR B 41 12.08 -20.50 -26.34
C THR B 41 13.37 -20.28 -25.58
N VAL B 42 14.47 -20.71 -26.20
CA VAL B 42 15.82 -20.40 -25.77
C VAL B 42 16.64 -20.25 -27.05
N ARG B 43 17.85 -19.74 -26.90
CA ARG B 43 18.66 -19.56 -28.10
C ARG B 43 19.51 -20.77 -28.47
N ASN B 44 19.66 -21.75 -27.58
CA ASN B 44 20.39 -22.98 -27.90
C ASN B 44 19.81 -24.11 -27.08
N PRO B 45 18.81 -24.81 -27.61
CA PRO B 45 18.20 -25.91 -26.84
C PRO B 45 19.16 -27.01 -26.47
N ASP B 46 20.33 -27.08 -27.10
CA ASP B 46 21.29 -28.13 -26.79
C ASP B 46 22.20 -27.78 -25.62
N ASP B 47 22.10 -26.57 -25.10
CA ASP B 47 22.95 -26.13 -23.99
C ASP B 47 22.34 -26.63 -22.68
N MET B 48 22.67 -27.87 -22.31
CA MET B 48 22.04 -28.49 -21.15
C MET B 48 22.58 -27.95 -19.82
N GLU B 49 23.78 -27.36 -19.82
CA GLU B 49 24.24 -26.65 -18.63
C GLU B 49 23.29 -25.52 -18.28
N LYS B 50 23.01 -24.65 -19.26
CA LYS B 50 22.13 -23.50 -19.12
C LYS B 50 20.65 -23.87 -19.04
N ASN B 51 20.26 -25.07 -19.51
CA ASN B 51 18.85 -25.38 -19.64
C ASN B 51 18.41 -26.65 -18.92
N SER B 52 19.26 -27.20 -18.03
CA SER B 52 18.92 -28.43 -17.33
C SER B 52 17.53 -28.38 -16.71
N HIS B 53 17.14 -27.21 -16.19
CA HIS B 53 15.84 -27.09 -15.51
C HIS B 53 14.69 -27.38 -16.46
N LEU B 54 14.87 -27.12 -17.76
CA LEU B 54 13.79 -27.36 -18.71
C LEU B 54 13.45 -28.84 -18.80
N LYS B 55 14.43 -29.72 -18.60
CA LYS B 55 14.12 -31.14 -18.57
C LYS B 55 13.41 -31.52 -17.26
N ASP B 56 13.90 -30.99 -16.14
CA ASP B 56 13.26 -31.28 -14.85
C ASP B 56 11.80 -30.82 -14.85
N LEU B 57 11.50 -29.72 -15.52
CA LEU B 57 10.15 -29.17 -15.50
C LEU B 57 9.18 -29.98 -16.34
N GLN B 58 9.67 -30.77 -17.29
CA GLN B 58 8.79 -31.63 -18.06
C GLN B 58 8.09 -32.66 -17.18
N LYS B 59 8.59 -32.86 -15.96
CA LYS B 59 7.98 -33.83 -15.05
C LYS B 59 6.63 -33.35 -14.52
N LEU B 60 6.39 -32.04 -14.47
CA LEU B 60 5.17 -31.52 -13.88
C LEU B 60 4.10 -31.16 -14.91
N GLY B 61 4.41 -31.27 -16.20
CA GLY B 61 3.46 -30.99 -17.24
C GLY B 61 4.11 -30.96 -18.61
N PRO B 62 3.31 -30.77 -19.65
CA PRO B 62 3.85 -30.74 -21.03
C PRO B 62 4.66 -29.48 -21.25
N LEU B 63 5.92 -29.65 -21.64
CA LEU B 63 6.79 -28.50 -21.87
C LEU B 63 7.62 -28.75 -23.11
N THR B 64 7.40 -27.94 -24.14
CA THR B 64 8.10 -28.03 -25.41
C THR B 64 9.05 -26.85 -25.55
N VAL B 65 10.27 -27.13 -26.04
CA VAL B 65 11.33 -26.14 -26.13
C VAL B 65 11.61 -25.86 -27.59
N PHE B 66 11.72 -24.59 -27.95
CA PHE B 66 12.00 -24.17 -29.32
C PHE B 66 13.21 -23.26 -29.32
N ARG B 67 13.83 -23.14 -30.48
CA ARG B 67 14.93 -22.21 -30.69
C ARG B 67 14.37 -20.93 -31.29
N ALA B 68 14.60 -19.80 -30.63
CA ALA B 68 14.16 -18.53 -31.17
C ALA B 68 15.11 -17.44 -30.72
N ASP B 69 15.23 -16.40 -31.54
CA ASP B 69 16.06 -15.25 -31.23
C ASP B 69 15.25 -14.01 -31.61
N MET B 70 15.21 -13.02 -30.72
CA MET B 70 14.42 -11.82 -30.99
C MET B 70 14.99 -11.02 -32.15
N ASP B 71 16.26 -11.22 -32.49
CA ASP B 71 16.84 -10.54 -33.63
C ASP B 71 16.57 -11.27 -34.95
N GLU B 72 15.97 -12.46 -34.89
CA GLU B 72 15.75 -13.32 -36.06
C GLU B 72 14.27 -13.32 -36.41
N GLU B 73 13.91 -12.63 -37.49
CA GLU B 73 12.50 -12.45 -37.84
C GLU B 73 11.79 -13.78 -38.07
N GLY B 74 10.68 -13.98 -37.37
CA GLY B 74 9.87 -15.16 -37.55
C GLY B 74 10.25 -16.37 -36.72
N SER B 75 11.40 -16.32 -36.02
CA SER B 75 11.86 -17.51 -35.30
C SER B 75 10.89 -17.94 -34.20
N PHE B 76 9.99 -17.05 -33.77
CA PHE B 76 9.03 -17.39 -32.73
C PHE B 76 7.74 -17.98 -33.27
N ASP B 77 7.62 -18.12 -34.60
CA ASP B 77 6.37 -18.59 -35.19
C ASP B 77 5.92 -19.92 -34.56
N ASP B 78 6.81 -20.92 -34.55
CA ASP B 78 6.43 -22.24 -34.07
C ASP B 78 6.16 -22.24 -32.58
N ALA B 79 6.86 -21.38 -31.82
CA ALA B 79 6.73 -21.42 -30.37
C ALA B 79 5.42 -20.83 -29.90
N VAL B 80 4.91 -19.80 -30.59
CA VAL B 80 3.65 -19.18 -30.20
C VAL B 80 2.45 -19.79 -30.90
N ALA B 81 2.67 -20.71 -31.84
CA ALA B 81 1.57 -21.31 -32.58
C ALA B 81 0.73 -22.19 -31.66
N GLY B 82 -0.60 -22.02 -31.75
CA GLY B 82 -1.49 -22.79 -30.91
C GLY B 82 -1.56 -22.36 -29.47
N CYS B 83 -1.03 -21.19 -29.13
CA CYS B 83 -1.03 -20.71 -27.76
C CYS B 83 -2.21 -19.78 -27.51
N ASP B 84 -2.83 -19.92 -26.34
CA ASP B 84 -3.87 -18.98 -25.93
C ASP B 84 -3.27 -17.70 -25.34
N TYR B 85 -2.15 -17.81 -24.62
CA TYR B 85 -1.47 -16.67 -24.02
C TYR B 85 0.00 -16.72 -24.37
N VAL B 86 0.59 -15.55 -24.62
CA VAL B 86 2.02 -15.45 -24.89
C VAL B 86 2.61 -14.44 -23.92
N PHE B 87 3.55 -14.90 -23.09
CA PHE B 87 4.23 -14.05 -22.10
C PHE B 87 5.59 -13.65 -22.63
N LEU B 88 5.71 -12.39 -23.03
CA LEU B 88 6.97 -11.85 -23.54
C LEU B 88 7.86 -11.44 -22.36
N VAL B 89 8.57 -12.42 -21.83
CA VAL B 89 9.50 -12.17 -20.73
C VAL B 89 10.90 -11.83 -21.24
N ALA B 90 11.37 -12.52 -22.28
CA ALA B 90 12.73 -12.34 -22.77
C ALA B 90 12.98 -10.91 -23.22
N ALA B 91 14.22 -10.44 -23.01
CA ALA B 91 14.60 -9.10 -23.46
C ALA B 91 16.11 -9.01 -23.47
N PRO B 92 16.70 -8.32 -24.45
CA PRO B 92 18.17 -8.16 -24.46
C PRO B 92 18.64 -7.41 -23.21
N LEU B 93 19.79 -7.84 -22.70
CA LEU B 93 20.33 -7.27 -21.48
C LEU B 93 21.06 -5.96 -21.78
N HIS B 94 21.10 -5.08 -20.79
CA HIS B 94 21.71 -3.78 -20.97
C HIS B 94 23.23 -3.89 -21.00
N PHE B 95 23.84 -3.15 -21.93
CA PHE B 95 25.28 -2.93 -21.95
C PHE B 95 25.51 -1.45 -22.24
N GLU B 96 26.77 -1.03 -22.25
CA GLU B 96 27.11 0.36 -22.55
C GLU B 96 27.65 0.41 -23.98
N ALA B 97 26.92 1.06 -24.87
CA ALA B 97 27.22 1.07 -26.29
C ALA B 97 27.51 2.48 -26.75
N GLN B 98 28.39 2.61 -27.76
CA GLN B 98 28.71 3.93 -28.29
C GLN B 98 27.50 4.56 -28.96
N ASP B 99 26.62 3.74 -29.56
CA ASP B 99 25.37 4.20 -30.14
C ASP B 99 24.22 3.38 -29.57
N PRO B 100 23.79 3.69 -28.33
CA PRO B 100 22.66 2.94 -27.76
C PRO B 100 21.40 3.00 -28.61
N GLU B 101 21.23 4.03 -29.44
CA GLU B 101 20.07 4.09 -30.33
C GLU B 101 20.08 2.94 -31.35
N LYS B 102 21.24 2.70 -31.98
CA LYS B 102 21.33 1.65 -33.00
C LYS B 102 21.55 0.28 -32.38
N GLU B 103 22.28 0.20 -31.27
CA GLU B 103 22.65 -1.08 -30.69
C GLU B 103 21.68 -1.58 -29.63
N GLN B 104 20.91 -0.69 -29.01
CA GLN B 104 20.06 -1.11 -27.89
C GLN B 104 18.61 -0.76 -28.12
N ILE B 105 18.33 0.53 -28.30
CA ILE B 105 16.95 0.99 -28.34
C ILE B 105 16.24 0.40 -29.55
N GLU B 106 16.76 0.68 -30.75
CA GLU B 106 16.12 0.16 -31.95
C GLU B 106 15.97 -1.36 -31.94
N PRO B 107 17.01 -2.14 -31.61
CA PRO B 107 16.83 -3.61 -31.50
C PRO B 107 15.79 -4.04 -30.47
N ALA B 108 15.67 -3.33 -29.35
CA ALA B 108 14.66 -3.71 -28.36
C ALA B 108 13.25 -3.52 -28.92
N ILE B 109 13.02 -2.43 -29.64
CA ILE B 109 11.73 -2.23 -30.29
C ILE B 109 11.49 -3.35 -31.31
N GLN B 110 12.43 -3.54 -32.22
CA GLN B 110 12.26 -4.51 -33.31
C GLN B 110 12.03 -5.91 -32.78
N GLY B 111 12.84 -6.34 -31.81
CA GLY B 111 12.66 -7.67 -31.25
C GLY B 111 11.28 -7.85 -30.64
N THR B 112 10.75 -6.79 -30.04
CA THR B 112 9.40 -6.87 -29.49
C THR B 112 8.36 -7.04 -30.61
N LEU B 113 8.48 -6.22 -31.67
CA LEU B 113 7.57 -6.36 -32.80
C LEU B 113 7.75 -7.68 -33.53
N ASN B 114 8.98 -8.21 -33.58
CA ASN B 114 9.19 -9.54 -34.14
C ASN B 114 8.31 -10.57 -33.46
N THR B 115 8.33 -10.62 -32.13
CA THR B 115 7.51 -11.60 -31.42
C THR B 115 6.02 -11.29 -31.56
N MET B 116 5.66 -10.00 -31.61
CA MET B 116 4.25 -9.63 -31.78
C MET B 116 3.70 -10.23 -33.07
N ARG B 117 4.42 -10.05 -34.18
CA ARG B 117 4.01 -10.59 -35.46
C ARG B 117 3.72 -12.08 -35.36
N SER B 118 4.65 -12.84 -34.76
CA SER B 118 4.38 -14.26 -34.61
C SER B 118 3.09 -14.51 -33.84
N CYS B 119 2.69 -13.55 -32.98
CA CYS B 119 1.52 -13.75 -32.14
C CYS B 119 0.22 -13.61 -32.94
N VAL B 120 0.16 -12.63 -33.84
CA VAL B 120 -1.00 -12.53 -34.73
C VAL B 120 -0.98 -13.69 -35.72
N LYS B 121 0.16 -13.89 -36.39
CA LYS B 121 0.29 -14.99 -37.33
C LYS B 121 -0.19 -16.32 -36.75
N ALA B 122 -0.13 -16.49 -35.43
CA ALA B 122 -0.62 -17.74 -34.84
C ALA B 122 -2.14 -17.82 -34.80
N GLY B 123 -2.81 -16.67 -34.74
CA GLY B 123 -4.26 -16.62 -34.81
C GLY B 123 -5.00 -17.11 -33.58
N THR B 124 -4.31 -17.87 -32.73
CA THR B 124 -4.95 -18.41 -31.53
C THR B 124 -4.79 -17.51 -30.31
N VAL B 125 -3.91 -16.52 -30.36
CA VAL B 125 -3.45 -15.88 -29.13
C VAL B 125 -4.56 -14.95 -28.61
N ARG B 126 -5.15 -15.32 -27.47
CA ARG B 126 -6.17 -14.48 -26.86
C ARG B 126 -5.57 -13.22 -26.23
N ARG B 127 -4.35 -13.29 -25.70
CA ARG B 127 -3.75 -12.14 -25.04
C ARG B 127 -2.23 -12.29 -24.94
N VAL B 128 -1.53 -11.18 -25.14
CA VAL B 128 -0.10 -11.08 -24.93
C VAL B 128 0.15 -10.34 -23.62
N ILE B 129 0.99 -10.90 -22.77
CA ILE B 129 1.45 -10.25 -21.55
C ILE B 129 2.91 -9.84 -21.76
N LEU B 130 3.15 -8.53 -21.74
CA LEU B 130 4.49 -7.96 -21.90
C LEU B 130 5.09 -7.70 -20.54
N THR B 131 6.30 -8.22 -20.31
CA THR B 131 7.05 -7.86 -19.12
C THR B 131 7.93 -6.68 -19.47
N SER B 132 7.65 -5.53 -18.87
CA SER B 132 8.49 -4.35 -18.98
C SER B 132 9.18 -4.14 -17.62
N SER B 133 9.18 -2.93 -17.07
CA SER B 133 9.90 -2.64 -15.83
C SER B 133 9.43 -1.29 -15.32
N VAL B 134 9.55 -1.05 -14.00
CA VAL B 134 9.35 0.32 -13.52
C VAL B 134 10.41 1.27 -14.07
N ALA B 135 11.45 0.75 -14.72
CA ALA B 135 12.37 1.63 -15.44
C ALA B 135 11.62 2.46 -16.47
N ALA B 136 10.48 1.98 -16.95
CA ALA B 136 9.62 2.74 -17.85
C ALA B 136 8.64 3.65 -17.11
N VAL B 137 8.74 3.73 -15.78
CA VAL B 137 7.78 4.51 -14.99
C VAL B 137 8.48 5.65 -14.24
N TYR B 138 9.65 5.36 -13.67
CA TYR B 138 10.16 6.16 -12.56
C TYR B 138 10.94 7.41 -12.99
N PHE B 139 11.53 7.44 -14.18
CA PHE B 139 12.43 8.56 -14.44
C PHE B 139 11.65 9.82 -14.78
N ARG B 140 11.33 10.61 -13.76
CA ARG B 140 10.52 11.81 -13.89
C ARG B 140 11.36 12.95 -13.35
N PRO B 141 12.03 13.71 -14.23
CA PRO B 141 12.98 14.72 -13.74
C PRO B 141 12.39 15.71 -12.73
N ASP B 142 11.15 16.14 -12.95
CA ASP B 142 10.49 17.00 -11.97
C ASP B 142 10.35 16.29 -10.63
N LEU B 143 9.70 15.13 -10.62
CA LEU B 143 9.41 14.44 -9.37
C LEU B 143 10.70 14.01 -8.67
N LEU B 144 11.71 13.60 -9.45
CA LEU B 144 12.94 13.14 -8.82
C LEU B 144 13.76 14.29 -8.26
N GLY B 145 13.64 15.49 -8.84
CA GLY B 145 14.57 16.54 -8.50
C GLY B 145 14.02 17.63 -7.58
N ASP B 146 12.71 17.62 -7.32
CA ASP B 146 12.06 18.74 -6.67
C ASP B 146 12.14 18.71 -5.14
N GLY B 147 12.69 17.65 -4.54
CA GLY B 147 12.82 17.62 -3.10
C GLY B 147 11.56 17.26 -2.33
N HIS B 148 10.54 16.74 -3.00
CA HIS B 148 9.29 16.32 -2.37
C HIS B 148 9.08 14.82 -2.56
N GLY B 149 8.26 14.23 -1.67
CA GLY B 149 7.85 12.85 -1.86
C GLY B 149 6.78 12.71 -2.92
N HIS B 150 6.73 11.54 -3.55
CA HIS B 150 5.72 11.28 -4.58
C HIS B 150 5.39 9.81 -4.64
N VAL B 151 4.19 9.54 -5.15
CA VAL B 151 3.71 8.21 -5.43
C VAL B 151 3.47 8.18 -6.92
N LEU B 152 4.26 7.38 -7.64
CA LEU B 152 4.09 7.25 -9.08
C LEU B 152 3.10 6.12 -9.37
N ASP B 153 2.27 6.33 -10.37
CA ASP B 153 1.37 5.25 -10.76
C ASP B 153 1.53 4.98 -12.26
N GLU B 154 0.59 4.23 -12.83
CA GLU B 154 0.74 3.72 -14.19
C GLU B 154 0.59 4.80 -15.26
N ASP B 155 0.17 6.02 -14.92
CA ASP B 155 0.17 7.10 -15.90
C ASP B 155 1.54 7.75 -16.02
N SER B 156 2.50 7.32 -15.19
CA SER B 156 3.84 7.88 -15.20
C SER B 156 4.73 7.11 -16.16
N TRP B 157 5.43 7.84 -17.03
CA TRP B 157 6.35 7.27 -18.00
C TRP B 157 7.72 7.92 -17.83
N SER B 158 8.77 7.12 -17.89
CA SER B 158 10.10 7.70 -17.86
C SER B 158 10.28 8.68 -19.01
N ASP B 159 10.99 9.78 -18.74
CA ASP B 159 11.09 10.92 -19.65
C ASP B 159 12.14 10.67 -20.72
N VAL B 160 11.69 10.23 -21.90
CA VAL B 160 12.61 9.87 -22.98
C VAL B 160 13.38 11.10 -23.46
N ASP B 161 12.68 12.20 -23.75
CA ASP B 161 13.34 13.40 -24.25
C ASP B 161 14.42 13.85 -23.29
N PHE B 162 14.11 13.88 -22.00
CA PHE B 162 15.15 14.25 -21.05
C PHE B 162 16.29 13.25 -21.08
N LEU B 163 15.97 11.96 -21.13
CA LEU B 163 17.03 10.96 -21.10
C LEU B 163 17.94 11.08 -22.32
N ARG B 164 17.35 11.35 -23.49
CA ARG B 164 18.16 11.54 -24.69
C ARG B 164 18.97 12.84 -24.61
N ALA B 165 18.35 13.91 -24.15
CA ALA B 165 19.02 15.22 -24.13
C ALA B 165 20.27 15.20 -23.25
N HIS B 166 20.18 14.59 -22.07
CA HIS B 166 21.26 14.66 -21.11
C HIS B 166 22.02 13.36 -20.94
N LYS B 167 21.52 12.26 -21.49
CA LYS B 167 22.21 10.97 -21.57
C LYS B 167 22.95 10.62 -20.27
N PRO B 168 22.25 10.56 -19.13
CA PRO B 168 22.88 10.05 -17.91
C PRO B 168 23.30 8.60 -18.10
N PRO B 169 24.23 8.11 -17.29
CA PRO B 169 24.66 6.71 -17.42
C PRO B 169 23.48 5.76 -17.29
N THR B 170 23.35 4.85 -18.27
CA THR B 170 22.30 3.84 -18.32
C THR B 170 20.97 4.39 -18.82
N TRP B 171 20.99 5.56 -19.47
CA TRP B 171 19.76 6.18 -19.93
C TRP B 171 19.02 5.30 -20.94
N SER B 172 19.77 4.54 -21.76
CA SER B 172 19.14 3.80 -22.85
C SER B 172 18.30 2.63 -22.36
N HIS B 173 18.48 2.20 -21.11
CA HIS B 173 17.63 1.14 -20.58
C HIS B 173 16.19 1.62 -20.42
N CYS B 174 15.99 2.73 -19.68
CA CYS B 174 14.64 3.27 -19.52
C CYS B 174 14.02 3.60 -20.86
N VAL B 175 14.81 4.20 -21.76
CA VAL B 175 14.29 4.59 -23.08
C VAL B 175 13.86 3.36 -23.86
N SER B 176 14.64 2.28 -23.79
CA SER B 176 14.28 1.07 -24.51
C SER B 176 12.95 0.51 -24.02
N LYS B 177 12.74 0.50 -22.71
CA LYS B 177 11.49 -0.06 -22.19
C LYS B 177 10.29 0.81 -22.55
N VAL B 178 10.44 2.14 -22.45
CA VAL B 178 9.32 3.01 -22.81
C VAL B 178 8.94 2.82 -24.27
N LEU B 179 9.92 2.99 -25.16
CA LEU B 179 9.65 2.99 -26.59
C LEU B 179 9.14 1.62 -27.05
N LEU B 180 9.68 0.54 -26.49
CA LEU B 180 9.17 -0.78 -26.90
C LEU B 180 7.77 -1.03 -26.38
N GLU B 181 7.44 -0.54 -25.18
CA GLU B 181 6.07 -0.68 -24.71
C GLU B 181 5.12 0.13 -25.61
N LYS B 182 5.48 1.39 -25.91
CA LYS B 182 4.66 2.20 -26.80
C LYS B 182 4.44 1.49 -28.13
N GLU B 183 5.52 1.03 -28.75
CA GLU B 183 5.40 0.41 -30.06
C GLU B 183 4.57 -0.88 -29.98
N ALA B 184 4.80 -1.70 -28.96
CA ALA B 184 3.98 -2.90 -28.81
C ALA B 184 2.50 -2.54 -28.67
N GLY B 185 2.20 -1.46 -27.96
CA GLY B 185 0.80 -1.04 -27.81
C GLY B 185 0.20 -0.55 -29.11
N ARG B 186 0.93 0.29 -29.85
CA ARG B 186 0.50 0.68 -31.19
C ARG B 186 0.20 -0.56 -32.02
N PHE B 187 1.15 -1.49 -32.09
CA PHE B 187 0.97 -2.67 -32.91
C PHE B 187 -0.27 -3.46 -32.50
N ALA B 188 -0.50 -3.62 -31.19
CA ALA B 188 -1.61 -4.45 -30.75
C ALA B 188 -2.94 -3.82 -31.12
N GLU B 189 -3.06 -2.51 -30.95
CA GLU B 189 -4.26 -1.84 -31.41
C GLU B 189 -4.45 -2.07 -32.90
N GLU B 190 -3.44 -1.73 -33.70
CA GLU B 190 -3.56 -1.77 -35.14
C GLU B 190 -3.89 -3.17 -35.68
N HIS B 191 -3.60 -4.23 -34.93
CA HIS B 191 -3.83 -5.58 -35.41
C HIS B 191 -4.88 -6.35 -34.62
N GLY B 192 -5.47 -5.72 -33.60
CA GLY B 192 -6.54 -6.38 -32.89
C GLY B 192 -6.10 -7.53 -32.00
N ILE B 193 -5.02 -7.35 -31.26
CA ILE B 193 -4.56 -8.33 -30.29
C ILE B 193 -4.52 -7.64 -28.92
N SER B 194 -5.06 -8.31 -27.91
CA SER B 194 -5.04 -7.74 -26.56
C SER B 194 -3.63 -7.79 -25.98
N LEU B 195 -3.16 -6.64 -25.49
CA LEU B 195 -1.84 -6.53 -24.88
C LEU B 195 -1.96 -5.88 -23.51
N VAL B 196 -1.52 -6.61 -22.48
CA VAL B 196 -1.40 -6.10 -21.13
C VAL B 196 0.07 -6.11 -20.74
N THR B 197 0.52 -5.07 -20.04
CA THR B 197 1.92 -4.91 -19.69
C THR B 197 2.08 -4.86 -18.17
N ILE B 198 3.03 -5.63 -17.66
CA ILE B 198 3.33 -5.66 -16.24
C ILE B 198 4.70 -5.01 -16.04
N LEU B 199 4.85 -4.26 -14.95
CA LEU B 199 6.01 -3.40 -14.69
C LEU B 199 6.61 -3.75 -13.34
N PRO B 200 7.54 -4.71 -13.28
CA PRO B 200 8.08 -5.15 -12.00
C PRO B 200 9.15 -4.22 -11.45
N VAL B 201 9.30 -4.25 -10.13
CA VAL B 201 10.44 -3.64 -9.44
C VAL B 201 11.54 -4.70 -9.29
N ILE B 202 12.40 -4.58 -8.28
CA ILE B 202 13.44 -5.59 -8.12
C ILE B 202 12.79 -6.91 -7.71
N VAL B 203 13.11 -7.97 -8.45
CA VAL B 203 12.48 -9.28 -8.27
C VAL B 203 13.37 -10.17 -7.41
N VAL B 204 12.77 -10.77 -6.37
CA VAL B 204 13.47 -11.54 -5.34
C VAL B 204 12.86 -12.93 -5.27
N GLY B 205 13.69 -13.96 -5.16
CA GLY B 205 13.21 -15.29 -4.84
C GLY B 205 13.79 -16.36 -5.74
N ALA B 206 13.59 -17.60 -5.31
CA ALA B 206 14.15 -18.75 -5.99
C ALA B 206 13.33 -19.09 -7.22
N ALA B 207 14.03 -19.51 -8.27
CA ALA B 207 13.44 -19.93 -9.52
C ALA B 207 14.17 -21.17 -10.01
N PRO B 208 13.65 -21.86 -11.02
CA PRO B 208 14.31 -23.09 -11.48
C PRO B 208 15.61 -22.84 -12.23
N ALA B 209 15.79 -21.68 -12.84
CA ALA B 209 16.93 -21.46 -13.72
C ALA B 209 18.25 -21.75 -12.98
N PRO B 210 19.17 -22.49 -13.59
CA PRO B 210 20.42 -22.83 -12.89
C PRO B 210 21.54 -21.82 -13.07
N LYS B 211 21.42 -20.94 -14.08
CA LYS B 211 22.44 -19.94 -14.39
C LYS B 211 21.93 -18.52 -14.16
N ALA B 212 20.93 -18.37 -13.30
CA ALA B 212 20.31 -17.07 -13.07
C ALA B 212 21.27 -16.09 -12.41
N ARG B 213 21.22 -14.84 -12.89
CA ARG B 213 21.90 -13.72 -12.25
C ARG B 213 20.92 -12.59 -12.02
N SER B 214 20.86 -11.64 -12.97
CA SER B 214 19.82 -10.60 -13.00
C SER B 214 19.71 -9.99 -11.60
N SER B 215 18.50 -9.91 -11.02
CA SER B 215 18.28 -9.25 -9.74
C SER B 215 18.68 -10.10 -8.56
N ILE B 216 18.87 -11.42 -8.74
CA ILE B 216 19.42 -12.23 -7.65
C ILE B 216 20.75 -11.64 -7.19
N VAL B 217 21.60 -11.24 -8.14
CA VAL B 217 22.86 -10.62 -7.81
C VAL B 217 22.65 -9.34 -7.00
N ASP B 218 21.71 -8.50 -7.42
CA ASP B 218 21.52 -7.21 -6.77
C ASP B 218 20.93 -7.38 -5.37
N CYS B 219 19.88 -8.19 -5.24
CA CYS B 219 19.20 -8.26 -3.95
C CYS B 219 20.00 -9.00 -2.89
N LEU B 220 21.03 -9.74 -3.28
CA LEU B 220 21.96 -10.39 -2.37
C LEU B 220 23.28 -9.65 -2.22
N SER B 221 23.44 -8.50 -2.89
CA SER B 221 24.75 -7.85 -2.92
C SER B 221 25.23 -7.43 -1.53
N MET B 222 24.33 -7.20 -0.57
CA MET B 222 24.77 -6.90 0.80
C MET B 222 25.44 -8.10 1.45
N LEU B 223 24.92 -9.30 1.18
CA LEU B 223 25.51 -10.52 1.71
C LEU B 223 26.75 -10.93 0.94
N SER B 224 26.79 -10.68 -0.36
CA SER B 224 27.87 -11.15 -1.20
C SER B 224 29.03 -10.18 -1.28
N GLY B 225 28.76 -8.89 -1.12
CA GLY B 225 29.74 -7.86 -1.35
C GLY B 225 29.83 -7.39 -2.78
N ASP B 226 29.05 -7.99 -3.68
CA ASP B 226 29.13 -7.65 -5.10
C ASP B 226 29.06 -6.16 -5.30
N GLU B 227 30.13 -5.60 -5.86
CA GLU B 227 30.28 -4.15 -5.93
C GLU B 227 29.29 -3.54 -6.91
N ALA B 228 29.02 -4.22 -8.03
CA ALA B 228 28.08 -3.66 -9.01
C ALA B 228 26.65 -3.73 -8.49
N GLY B 229 26.31 -4.80 -7.77
CA GLY B 229 25.01 -4.87 -7.13
C GLY B 229 24.82 -3.80 -6.07
N LEU B 230 25.84 -3.60 -5.23
CA LEU B 230 25.72 -2.60 -4.17
C LEU B 230 25.55 -1.20 -4.77
N ALA B 231 26.30 -0.90 -5.83
CA ALA B 231 26.14 0.40 -6.46
C ALA B 231 24.76 0.51 -7.09
N MET B 232 24.26 -0.57 -7.68
CA MET B 232 22.92 -0.55 -8.24
C MET B 232 21.90 -0.20 -7.15
N LEU B 233 21.95 -0.91 -6.01
CA LEU B 233 21.04 -0.60 -4.91
C LEU B 233 21.20 0.85 -4.46
N ARG B 234 22.45 1.29 -4.26
CA ARG B 234 22.68 2.64 -3.76
C ARG B 234 22.21 3.71 -4.74
N ALA B 235 22.33 3.46 -6.04
CA ALA B 235 21.88 4.46 -7.03
C ALA B 235 20.37 4.62 -6.97
N ILE B 236 19.63 3.52 -6.81
CA ILE B 236 18.18 3.59 -6.66
C ILE B 236 17.81 4.33 -5.37
N GLN B 237 18.52 4.06 -4.28
CA GLN B 237 18.24 4.73 -3.01
C GLN B 237 18.56 6.22 -3.10
N LYS B 238 19.66 6.57 -3.77
CA LYS B 238 20.01 7.97 -3.97
C LYS B 238 18.91 8.70 -4.72
N THR B 239 18.32 8.06 -5.74
CA THR B 239 17.30 8.68 -6.57
C THR B 239 15.94 8.73 -5.88
N SER B 240 15.53 7.63 -5.25
CA SER B 240 14.16 7.48 -4.81
C SER B 240 13.97 7.41 -3.30
N GLY B 241 15.02 7.48 -2.50
CA GLY B 241 14.87 7.38 -1.06
C GLY B 241 14.57 5.99 -0.53
N GLU B 242 14.67 4.96 -1.36
CA GLU B 242 14.22 3.61 -1.05
C GLU B 242 14.50 2.76 -2.28
N VAL B 243 14.33 1.44 -2.12
CA VAL B 243 14.20 0.53 -3.24
C VAL B 243 12.83 -0.12 -3.15
N GLN B 244 12.43 -0.79 -4.23
CA GLN B 244 11.16 -1.50 -4.28
C GLN B 244 11.39 -2.95 -4.66
N LEU B 245 10.78 -3.85 -3.90
CA LEU B 245 10.99 -5.29 -4.03
C LEU B 245 9.68 -5.99 -4.26
N VAL B 246 9.72 -7.09 -5.01
CA VAL B 246 8.59 -8.00 -5.15
C VAL B 246 9.12 -9.42 -5.24
N HIS B 247 8.38 -10.38 -4.68
CA HIS B 247 8.78 -11.78 -4.75
C HIS B 247 8.46 -12.35 -6.13
N VAL B 248 9.41 -13.12 -6.69
CA VAL B 248 9.26 -13.64 -8.04
C VAL B 248 7.99 -14.47 -8.20
N ASP B 249 7.52 -15.10 -7.12
CA ASP B 249 6.33 -15.93 -7.26
C ASP B 249 5.08 -15.08 -7.37
N ASP B 250 5.05 -13.93 -6.69
CA ASP B 250 3.96 -13.00 -6.86
C ASP B 250 4.00 -12.38 -8.24
N LEU B 251 5.19 -12.03 -8.74
CA LEU B 251 5.25 -11.51 -10.10
C LEU B 251 4.67 -12.52 -11.07
N CYS B 252 5.03 -13.79 -10.91
CA CYS B 252 4.53 -14.84 -11.80
C CYS B 252 3.02 -15.00 -11.69
N ARG B 253 2.51 -15.04 -10.45
CA ARG B 253 1.07 -15.07 -10.25
C ARG B 253 0.40 -13.82 -10.81
N ALA B 254 1.05 -12.65 -10.72
CA ALA B 254 0.45 -11.45 -11.30
C ALA B 254 0.41 -11.53 -12.82
N GLU B 255 1.48 -12.04 -13.43
CA GLU B 255 1.44 -12.21 -14.88
C GLU B 255 0.29 -13.13 -15.29
N LEU B 256 0.16 -14.28 -14.62
CA LEU B 256 -0.93 -15.19 -14.93
C LEU B 256 -2.28 -14.53 -14.70
N PHE B 257 -2.38 -13.76 -13.60
CA PHE B 257 -3.64 -13.07 -13.29
C PHE B 257 -4.05 -12.16 -14.44
N LEU B 258 -3.09 -11.42 -15.01
CA LEU B 258 -3.37 -10.49 -16.10
C LEU B 258 -3.72 -11.20 -17.40
N ALA B 259 -3.30 -12.45 -17.57
CA ALA B 259 -3.69 -13.17 -18.77
C ALA B 259 -5.11 -13.72 -18.66
N GLU B 260 -5.49 -14.22 -17.48
CA GLU B 260 -6.74 -14.96 -17.32
C GLU B 260 -7.95 -14.10 -17.03
N ASN B 261 -7.77 -12.86 -16.58
CA ASN B 261 -8.90 -11.97 -16.26
C ASN B 261 -9.15 -11.07 -17.46
N ALA B 262 -10.31 -11.26 -18.11
CA ALA B 262 -10.57 -10.52 -19.34
C ALA B 262 -10.67 -9.03 -19.11
N THR B 263 -11.03 -8.61 -17.89
CA THR B 263 -11.15 -7.20 -17.56
C THR B 263 -9.80 -6.48 -17.53
N ALA B 264 -8.70 -7.21 -17.34
CA ALA B 264 -7.40 -6.56 -17.22
C ALA B 264 -7.10 -5.72 -18.46
N ASN B 265 -6.52 -4.55 -18.25
CA ASN B 265 -6.33 -3.63 -19.36
C ASN B 265 -5.20 -2.65 -19.04
N GLY B 266 -4.34 -2.41 -20.02
CA GLY B 266 -3.27 -1.43 -19.86
C GLY B 266 -2.01 -1.96 -19.21
N ARG B 267 -1.34 -1.13 -18.42
CA ARG B 267 -0.09 -1.50 -17.77
C ARG B 267 -0.30 -1.54 -16.26
N TYR B 268 0.51 -2.34 -15.57
CA TYR B 268 0.32 -2.62 -14.14
C TYR B 268 1.67 -2.64 -13.46
N ILE B 269 1.83 -1.83 -12.40
CA ILE B 269 3.00 -1.93 -11.55
C ILE B 269 2.92 -3.22 -10.75
N CYS B 270 4.05 -3.88 -10.56
CA CYS B 270 4.09 -5.07 -9.71
C CYS B 270 5.19 -4.92 -8.67
N SER B 271 4.80 -4.65 -7.43
CA SER B 271 5.72 -4.28 -6.36
C SER B 271 5.01 -4.55 -5.05
N ARG B 272 5.78 -4.75 -3.97
CA ARG B 272 5.12 -5.07 -2.70
C ARG B 272 5.77 -4.49 -1.46
N TYR B 273 7.11 -4.54 -1.33
CA TYR B 273 7.78 -4.04 -0.13
C TYR B 273 8.85 -3.03 -0.50
N HIS B 274 8.85 -1.87 0.17
CA HIS B 274 9.67 -0.71 -0.22
C HIS B 274 10.56 -0.26 0.92
N PRO B 275 11.64 -0.98 1.18
CA PRO B 275 12.53 -0.61 2.30
C PRO B 275 13.58 0.40 1.88
N THR B 276 14.05 1.16 2.87
CA THR B 276 15.32 1.82 2.68
C THR B 276 16.46 0.80 2.75
N LEU B 277 17.61 1.18 2.19
CA LEU B 277 18.75 0.29 2.24
C LEU B 277 19.12 -0.06 3.69
N VAL B 278 19.05 0.91 4.60
CA VAL B 278 19.44 0.59 5.97
C VAL B 278 18.43 -0.34 6.64
N GLU B 279 17.16 -0.22 6.27
CA GLU B 279 16.19 -1.17 6.79
C GLU B 279 16.41 -2.56 6.21
N LEU B 280 16.76 -2.64 4.92
CA LEU B 280 17.06 -3.93 4.31
C LEU B 280 18.32 -4.55 4.90
N ALA B 281 19.36 -3.73 5.09
CA ALA B 281 20.60 -4.23 5.68
C ALA B 281 20.37 -4.69 7.12
N THR B 282 19.60 -3.92 7.89
CA THR B 282 19.32 -4.32 9.27
C THR B 282 18.63 -5.67 9.30
N PHE B 283 17.66 -5.88 8.42
CA PHE B 283 16.95 -7.15 8.37
C PHE B 283 17.90 -8.29 8.01
N LEU B 284 18.74 -8.09 7.00
CA LEU B 284 19.64 -9.15 6.58
C LEU B 284 20.70 -9.43 7.65
N ALA B 285 21.26 -8.37 8.25
CA ALA B 285 22.25 -8.57 9.31
C ALA B 285 21.67 -9.40 10.44
N GLN B 286 20.41 -9.16 10.80
CA GLN B 286 19.82 -9.85 11.93
C GLN B 286 19.47 -11.30 11.60
N LYS B 287 19.04 -11.57 10.36
CA LYS B 287 18.60 -12.91 10.01
C LYS B 287 19.72 -13.75 9.40
N TYR B 288 20.79 -13.13 8.91
CA TYR B 288 21.89 -13.85 8.28
C TYR B 288 23.22 -13.29 8.79
N PRO B 289 23.47 -13.40 10.10
CA PRO B 289 24.70 -12.81 10.65
C PRO B 289 25.98 -13.38 10.05
N GLN B 290 25.95 -14.60 9.50
CA GLN B 290 27.19 -15.22 9.02
C GLN B 290 27.87 -14.39 7.94
N TYR B 291 27.18 -13.44 7.33
CA TYR B 291 27.77 -12.67 6.24
C TYR B 291 28.34 -11.34 6.70
N GLY B 292 28.18 -10.99 7.96
CA GLY B 292 28.81 -9.78 8.46
C GLY B 292 28.33 -8.50 7.84
N VAL B 293 27.03 -8.39 7.59
CA VAL B 293 26.50 -7.12 7.09
C VAL B 293 26.63 -6.07 8.18
N LYS B 294 27.10 -4.88 7.81
CA LYS B 294 27.16 -3.74 8.71
C LYS B 294 26.09 -2.75 8.29
N PRO B 295 24.92 -2.74 8.93
CA PRO B 295 23.87 -1.78 8.52
C PRO B 295 24.34 -0.33 8.48
N THR B 296 25.27 0.07 9.35
CA THR B 296 25.74 1.46 9.32
C THR B 296 26.40 1.82 7.99
N ASP B 297 26.86 0.83 7.22
CA ASP B 297 27.38 1.14 5.88
C ASP B 297 26.33 1.80 4.99
N PHE B 298 25.05 1.75 5.37
CA PHE B 298 24.00 2.31 4.52
C PHE B 298 23.26 3.44 5.21
N ASP B 299 23.81 3.96 6.30
CA ASP B 299 23.28 5.14 6.98
C ASP B 299 23.32 6.33 6.04
N ASP B 300 22.28 6.43 5.23
CA ASP B 300 22.14 7.54 4.32
C ASP B 300 21.36 8.63 5.03
N GLU B 301 21.68 9.89 4.70
CA GLU B 301 20.94 11.02 5.25
C GLU B 301 19.44 10.79 5.13
N GLU B 302 19.06 9.77 4.37
CA GLU B 302 17.69 9.57 3.90
C GLU B 302 17.46 10.47 2.69
N ARG B 303 16.30 10.36 2.06
CA ARG B 303 15.95 11.21 0.94
C ARG B 303 14.45 11.26 0.83
N PRO B 304 13.89 12.30 0.21
CA PRO B 304 12.47 12.26 -0.13
C PRO B 304 12.16 10.96 -0.84
N ARG B 305 11.00 10.40 -0.56
CA ARG B 305 10.63 9.08 -1.04
C ARG B 305 9.76 9.21 -2.29
N VAL B 306 10.25 8.69 -3.40
CA VAL B 306 9.50 8.67 -4.66
C VAL B 306 9.17 7.20 -4.92
N THR B 307 7.96 6.81 -4.54
CA THR B 307 7.61 5.41 -4.39
C THR B 307 6.64 5.00 -5.49
N MET B 308 6.23 3.73 -5.45
CA MET B 308 5.36 3.14 -6.44
C MET B 308 3.97 2.91 -5.85
N SER B 309 2.95 3.18 -6.66
CA SER B 309 1.59 2.84 -6.27
C SER B 309 1.35 1.36 -6.44
N LEU B 310 0.70 0.75 -5.45
CA LEU B 310 0.40 -0.68 -5.48
C LEU B 310 -1.07 -0.95 -5.79
N GLU B 311 -1.86 0.07 -6.10
CA GLU B 311 -3.30 -0.11 -6.02
C GLU B 311 -3.91 -0.79 -7.23
N LYS B 312 -3.30 -0.75 -8.41
CA LYS B 312 -4.04 -1.20 -9.57
C LYS B 312 -4.32 -2.70 -9.52
N LEU B 313 -3.29 -3.51 -9.26
CA LEU B 313 -3.52 -4.96 -9.17
C LEU B 313 -4.45 -5.30 -8.02
N ILE B 314 -4.31 -4.59 -6.88
CA ILE B 314 -5.16 -4.86 -5.73
C ILE B 314 -6.61 -4.52 -6.07
N ARG B 315 -6.84 -3.33 -6.64
CA ARG B 315 -8.17 -2.91 -7.05
C ARG B 315 -8.87 -3.97 -7.89
N GLU B 316 -8.14 -4.61 -8.79
CA GLU B 316 -8.75 -5.57 -9.69
C GLU B 316 -8.77 -6.98 -9.14
N GLY B 317 -8.45 -7.15 -7.85
CA GLY B 317 -8.66 -8.42 -7.17
C GLY B 317 -7.44 -9.27 -6.93
N PHE B 318 -6.25 -8.86 -7.40
CA PHE B 318 -5.08 -9.70 -7.20
C PHE B 318 -4.63 -9.63 -5.75
N GLU B 319 -4.00 -10.73 -5.28
CA GLU B 319 -3.53 -10.83 -3.92
C GLU B 319 -2.06 -11.24 -3.88
N TYR B 320 -1.25 -10.46 -3.18
CA TYR B 320 0.16 -10.82 -2.97
C TYR B 320 0.28 -11.83 -1.83
N LYS B 321 1.14 -12.82 -2.02
CA LYS B 321 1.40 -13.82 -0.99
C LYS B 321 2.65 -13.54 -0.16
N HIS B 322 3.62 -12.78 -0.68
CA HIS B 322 4.82 -12.43 0.08
C HIS B 322 4.74 -10.94 0.44
N ASN B 323 4.32 -10.67 1.69
CA ASN B 323 3.92 -9.32 2.06
C ASN B 323 4.82 -8.65 3.08
N THR B 324 5.65 -9.39 3.80
CA THR B 324 6.63 -8.82 4.71
C THR B 324 8.00 -8.91 4.06
N LEU B 325 8.94 -8.11 4.58
CA LEU B 325 10.28 -8.18 4.03
C LEU B 325 10.81 -9.60 4.12
N GLU B 326 10.50 -10.30 5.21
CA GLU B 326 11.02 -11.63 5.43
C GLU B 326 10.41 -12.64 4.46
N GLU B 327 9.11 -12.55 4.19
CA GLU B 327 8.52 -13.44 3.20
C GLU B 327 9.08 -13.16 1.81
N ILE B 328 9.40 -11.90 1.51
CA ILE B 328 9.99 -11.60 0.21
C ILE B 328 11.37 -12.24 0.10
N TYR B 329 12.10 -12.34 1.21
CA TYR B 329 13.40 -13.01 1.26
C TYR B 329 13.30 -14.45 1.78
N ASP B 330 12.17 -15.14 1.58
CA ASP B 330 11.98 -16.42 2.25
C ASP B 330 12.90 -17.51 1.70
N ASN B 331 13.35 -17.42 0.45
CA ASN B 331 14.10 -18.54 -0.10
C ASN B 331 15.22 -18.12 -1.04
N VAL B 332 15.53 -16.83 -1.15
CA VAL B 332 16.50 -16.40 -2.14
C VAL B 332 17.94 -16.63 -1.70
N VAL B 333 18.21 -16.67 -0.38
CA VAL B 333 19.58 -16.89 0.08
C VAL B 333 20.03 -18.29 -0.29
N GLU B 334 19.18 -19.28 -0.06
CA GLU B 334 19.47 -20.64 -0.50
C GLU B 334 19.70 -20.70 -2.00
N TYR B 335 18.92 -19.93 -2.77
CA TYR B 335 19.10 -19.90 -4.23
C TYR B 335 20.46 -19.33 -4.59
N GLY B 336 20.88 -18.24 -3.93
CA GLY B 336 22.17 -17.67 -4.25
C GLY B 336 23.31 -18.61 -3.91
N LYS B 337 23.12 -19.46 -2.90
CA LYS B 337 24.12 -20.48 -2.59
C LYS B 337 24.17 -21.53 -3.69
N ALA B 338 23.01 -22.07 -4.06
CA ALA B 338 22.97 -23.07 -5.13
C ALA B 338 23.56 -22.54 -6.43
N LEU B 339 23.55 -21.23 -6.64
CA LEU B 339 24.10 -20.62 -7.85
C LEU B 339 25.57 -20.27 -7.73
N GLY B 340 26.12 -20.34 -6.53
CA GLY B 340 27.46 -19.86 -6.28
C GLY B 340 27.59 -18.36 -6.13
N ILE B 341 26.47 -17.62 -6.14
CA ILE B 341 26.55 -16.18 -5.92
C ILE B 341 26.99 -15.89 -4.49
N LEU B 342 26.53 -16.72 -3.53
CA LEU B 342 26.87 -16.62 -2.12
C LEU B 342 27.91 -17.67 -1.77
N PRO B 343 29.02 -17.27 -1.14
CA PRO B 343 30.10 -18.24 -0.89
C PRO B 343 29.70 -19.44 -0.05
N TYR B 344 28.85 -19.27 0.96
CA TYR B 344 28.50 -20.37 1.85
C TYR B 344 27.04 -20.35 2.30
#